data_6P3K
#
_entry.id   6P3K
#
_cell.length_a   97.417
_cell.length_b   142.334
_cell.length_c   60.350
_cell.angle_alpha   90.000
_cell.angle_beta   111.720
_cell.angle_gamma   90.000
#
_symmetry.space_group_name_H-M   'C 1 2 1'
#
loop_
_entity.id
_entity.type
_entity.pdbx_description
1 polymer '(4E)-oxalomesaconate Delta-isomerase'
2 non-polymer 'CHLORIDE ION'
3 water water
#
_entity_poly.entity_id   1
_entity_poly.type   'polypeptide(L)'
_entity_poly.pdbx_seq_one_letter_code
;MPRRDRNMDSAPCMWMRGGTSKGGYFLRADLPADTAARDAFLLAVMGSPDPRQIDGMGGADPLTSKVAVVSKSERPGIDV
DYLFLQVFVDQAIVTDAQNSGNILAGVGPFAIERGLVAASGDETRVAIFMENTGQVAVATVRTPGGSVTYAGDAAIDGVP
GTHAPIPTEFRDTAGSSCGALLPSGNAVDVVNGLPVTLIDNGMPCVVMKAADVGITGYEDRDSLDANAELKAKIEAIRLA
VGELMNLGDVTEKSVPKMMLVAPPRDGGAVCVRSFIPHRAHATIGVLGAVSVATACLIPGSPAAEVAVVPEGARKTLSIE
HPTGEMSCVLEVDDAGNVVSAALLRTARKLMDGVVFVLEHHHHHH
;
_entity_poly.pdbx_strand_id   A,B
#
loop_
_chem_comp.id
_chem_comp.type
_chem_comp.name
_chem_comp.formula
CL non-polymer 'CHLORIDE ION' 'Cl -1'
#
# COMPACT_ATOMS: atom_id res chain seq x y z
N MET A 8 -2.93 28.39 -20.65
CA MET A 8 -4.40 28.34 -20.60
C MET A 8 -5.01 27.68 -21.83
N ASP A 9 -4.46 28.04 -22.99
CA ASP A 9 -4.62 27.28 -24.23
C ASP A 9 -3.36 26.48 -24.54
N SER A 10 -2.60 26.14 -23.50
CA SER A 10 -1.58 25.11 -23.56
C SER A 10 -1.45 24.46 -22.18
N ALA A 11 -0.76 23.32 -22.16
CA ALA A 11 -0.37 22.66 -20.94
C ALA A 11 0.92 21.90 -21.21
N PRO A 12 1.84 21.86 -20.24
CA PRO A 12 2.93 20.88 -20.30
C PRO A 12 2.33 19.51 -20.53
N CYS A 13 3.02 18.66 -21.30
CA CYS A 13 2.46 17.34 -21.57
C CYS A 13 3.57 16.41 -22.03
N MET A 14 3.54 15.16 -21.59
CA MET A 14 4.43 14.17 -22.15
C MET A 14 3.62 13.16 -22.95
N TRP A 15 4.04 12.96 -24.21
CA TRP A 15 3.44 11.97 -25.10
C TRP A 15 4.24 10.69 -24.93
N MET A 16 3.52 9.62 -24.56
CA MET A 16 4.13 8.33 -24.31
C MET A 16 3.34 7.22 -24.97
N ARG A 17 4.06 6.16 -25.28
CA ARG A 17 3.47 4.84 -25.46
C ARG A 17 3.42 4.14 -24.09
N GLY A 18 2.24 3.65 -23.73
CA GLY A 18 2.07 2.84 -22.52
C GLY A 18 1.51 1.50 -22.95
N GLY A 19 2.31 0.44 -22.83
CA GLY A 19 1.85 -0.88 -23.29
C GLY A 19 1.63 -0.78 -24.81
N THR A 20 0.47 -1.21 -25.31
CA THR A 20 0.17 -1.12 -26.75
C THR A 20 -0.75 0.06 -27.06
N SER A 21 -0.81 1.05 -26.16
CA SER A 21 -1.59 2.26 -26.35
C SER A 21 -0.62 3.43 -26.31
N LYS A 22 -1.14 4.62 -26.69
CA LYS A 22 -0.35 5.85 -26.76
C LYS A 22 -1.24 7.00 -26.32
N GLY A 23 -0.68 7.98 -25.64
CA GLY A 23 -1.44 9.20 -25.41
C GLY A 23 -0.69 10.23 -24.60
N GLY A 24 -1.44 11.19 -24.06
CA GLY A 24 -0.86 12.36 -23.46
C GLY A 24 -0.94 12.28 -21.94
N TYR A 25 0.18 12.58 -21.29
CA TYR A 25 0.27 12.47 -19.82
C TYR A 25 0.43 13.84 -19.22
N PHE A 26 -0.46 14.16 -18.27
CA PHE A 26 -0.52 15.46 -17.63
C PHE A 26 -0.40 15.35 -16.12
N LEU A 27 0.19 16.37 -15.53
CA LEU A 27 -0.05 16.67 -14.12
C LEU A 27 -1.44 17.25 -13.95
N ARG A 28 -2.17 16.77 -12.93
CA ARG A 28 -3.53 17.24 -12.66
C ARG A 28 -3.60 18.76 -12.58
N ALA A 29 -2.61 19.38 -11.91
CA ALA A 29 -2.62 20.83 -11.72
C ALA A 29 -2.41 21.62 -13.02
N ASP A 30 -2.11 20.96 -14.13
CA ASP A 30 -1.96 21.66 -15.42
C ASP A 30 -3.23 21.63 -16.25
N LEU A 31 -4.24 20.89 -15.82
CA LEU A 31 -5.50 20.84 -16.54
C LEU A 31 -6.59 21.60 -15.80
N PRO A 32 -7.63 22.05 -16.50
CA PRO A 32 -8.70 22.80 -15.82
C PRO A 32 -9.31 21.94 -14.74
N ALA A 33 -9.70 22.59 -13.64
CA ALA A 33 -10.40 21.88 -12.57
C ALA A 33 -11.80 21.48 -13.01
N ASP A 34 -12.48 22.36 -13.73
CA ASP A 34 -13.82 22.09 -14.24
C ASP A 34 -13.78 20.95 -15.25
N THR A 35 -14.57 19.89 -15.00
CA THR A 35 -14.60 18.74 -15.90
C THR A 35 -14.94 19.16 -17.33
N ALA A 36 -16.00 19.95 -17.52
CA ALA A 36 -16.37 20.34 -18.87
C ALA A 36 -15.27 21.15 -19.53
N ALA A 37 -14.68 22.09 -18.80
CA ALA A 37 -13.51 22.80 -19.34
C ALA A 37 -12.37 21.82 -19.63
N ARG A 38 -12.20 20.80 -18.77
CA ARG A 38 -11.12 19.85 -19.00
C ARG A 38 -11.34 19.08 -20.30
N ASP A 39 -12.56 18.56 -20.48
CA ASP A 39 -12.87 17.73 -21.65
C ASP A 39 -12.73 18.51 -22.96
N ALA A 40 -13.17 19.77 -22.97
CA ALA A 40 -13.04 20.60 -24.18
C ALA A 40 -11.57 20.75 -24.53
N PHE A 41 -10.72 20.96 -23.52
CA PHE A 41 -9.29 21.11 -23.76
C PHE A 41 -8.68 19.84 -24.30
N LEU A 42 -9.02 18.68 -23.73
CA LEU A 42 -8.42 17.43 -24.17
C LEU A 42 -8.91 17.02 -25.55
N LEU A 43 -10.21 17.21 -25.83
CA LEU A 43 -10.70 17.01 -27.19
C LEU A 43 -9.87 17.82 -28.21
N ALA A 44 -9.66 19.10 -27.93
CA ALA A 44 -8.91 19.96 -28.85
C ALA A 44 -7.46 19.51 -28.98
N VAL A 45 -6.85 19.07 -27.86
CA VAL A 45 -5.47 18.57 -27.88
C VAL A 45 -5.35 17.40 -28.86
N MET A 46 -6.31 16.44 -28.81
CA MET A 46 -6.29 15.25 -29.67
C MET A 46 -6.68 15.56 -31.11
N GLY A 47 -7.42 16.63 -31.34
CA GLY A 47 -7.96 16.86 -32.67
C GLY A 47 -9.30 16.22 -32.87
N SER A 48 -10.09 15.97 -31.75
CA SER A 48 -11.39 15.38 -31.81
C SER A 48 -12.48 16.43 -31.80
N PRO A 49 -13.62 16.15 -32.45
CA PRO A 49 -13.99 14.96 -33.23
C PRO A 49 -13.51 15.02 -34.69
N ASP A 50 -12.89 13.95 -35.19
CA ASP A 50 -12.39 13.95 -36.55
C ASP A 50 -11.88 12.55 -36.83
N PRO A 51 -12.47 11.81 -37.76
CA PRO A 51 -11.99 10.45 -38.02
C PRO A 51 -10.50 10.37 -38.24
N ARG A 52 -9.89 11.45 -38.77
CA ARG A 52 -8.47 11.50 -39.02
C ARG A 52 -7.70 12.22 -37.94
N GLN A 53 -8.38 12.89 -36.99
CA GLN A 53 -7.71 13.69 -35.93
C GLN A 53 -6.54 14.48 -36.51
N ILE A 54 -6.81 15.15 -37.64
CA ILE A 54 -5.69 15.77 -38.35
C ILE A 54 -5.20 17.04 -37.66
N ASP A 55 -6.06 17.70 -36.87
CA ASP A 55 -5.71 18.97 -36.22
C ASP A 55 -5.42 18.80 -34.73
N GLY A 56 -4.78 17.69 -34.37
CA GLY A 56 -4.36 17.50 -32.99
C GLY A 56 -3.42 16.31 -32.88
N MET A 57 -3.23 15.84 -31.65
CA MET A 57 -2.21 14.81 -31.39
C MET A 57 -2.73 13.36 -31.35
N GLY A 58 -4.03 13.15 -31.50
CA GLY A 58 -4.55 11.80 -31.62
C GLY A 58 -4.07 11.11 -32.89
N GLY A 59 -3.96 9.79 -32.81
CA GLY A 59 -3.48 9.01 -33.94
C GLY A 59 -4.58 8.41 -34.76
N ALA A 60 -5.79 8.94 -34.64
CA ALA A 60 -6.94 8.48 -35.43
C ALA A 60 -7.28 7.03 -35.14
N ASP A 61 -7.12 6.62 -33.87
CA ASP A 61 -7.51 5.28 -33.44
C ASP A 61 -7.78 5.42 -31.95
N PRO A 62 -8.79 4.74 -31.38
CA PRO A 62 -9.00 4.96 -29.94
C PRO A 62 -7.78 4.58 -29.11
N LEU A 63 -6.95 3.64 -29.57
CA LEU A 63 -5.79 3.23 -28.78
C LEU A 63 -4.69 4.29 -28.75
N THR A 64 -4.75 5.29 -29.65
CA THR A 64 -3.79 6.36 -29.58
C THR A 64 -4.50 7.68 -29.33
N SER A 65 -5.65 7.64 -28.66
CA SER A 65 -6.38 8.84 -28.32
C SER A 65 -6.72 8.82 -26.82
N LYS A 66 -5.69 8.59 -26.00
CA LYS A 66 -5.83 8.36 -24.57
C LYS A 66 -5.04 9.37 -23.74
N VAL A 67 -5.49 9.59 -22.49
CA VAL A 67 -4.94 10.61 -21.62
C VAL A 67 -4.73 10.01 -20.21
N ALA A 68 -3.59 10.30 -19.61
CA ALA A 68 -3.38 10.03 -18.18
C ALA A 68 -3.24 11.35 -17.44
N VAL A 69 -3.93 11.43 -16.30
CA VAL A 69 -3.85 12.54 -15.34
C VAL A 69 -3.30 12.00 -14.03
N VAL A 70 -2.11 12.47 -13.65
CA VAL A 70 -1.34 11.94 -12.53
C VAL A 70 -1.12 13.04 -11.50
N SER A 71 -1.20 12.71 -10.21
CA SER A 71 -0.87 13.70 -9.19
C SER A 71 -0.27 12.96 -8.03
N LYS A 72 0.45 13.70 -7.20
CA LYS A 72 0.93 13.12 -5.94
C LYS A 72 -0.24 12.66 -5.06
N SER A 73 -0.14 11.46 -4.50
CA SER A 73 -1.26 10.92 -3.73
C SER A 73 -1.10 11.29 -2.27
N GLU A 74 -2.23 11.56 -1.61
CA GLU A 74 -2.27 11.53 -0.14
C GLU A 74 -2.77 10.22 0.44
N ARG A 75 -3.13 9.25 -0.38
CA ARG A 75 -3.69 8.03 0.22
C ARG A 75 -2.59 7.25 0.94
N PRO A 76 -2.89 6.59 2.07
CA PRO A 76 -1.85 5.86 2.79
C PRO A 76 -1.21 4.81 1.89
N GLY A 77 0.10 4.85 1.81
CA GLY A 77 0.81 3.87 1.02
C GLY A 77 0.82 4.13 -0.47
N ILE A 78 0.06 5.09 -0.94
CA ILE A 78 0.01 5.38 -2.37
C ILE A 78 0.99 6.48 -2.68
N ASP A 79 1.71 6.36 -3.79
CA ASP A 79 2.57 7.47 -4.21
C ASP A 79 1.82 8.46 -5.11
N VAL A 80 1.20 7.99 -6.20
CA VAL A 80 0.50 8.90 -7.11
C VAL A 80 -0.92 8.38 -7.38
N ASP A 81 -1.85 9.31 -7.59
CA ASP A 81 -3.18 9.03 -8.11
C ASP A 81 -3.18 9.17 -9.63
N TYR A 82 -3.87 8.25 -10.32
CA TYR A 82 -3.87 8.19 -11.78
C TYR A 82 -5.31 8.10 -12.26
N LEU A 83 -5.72 9.06 -13.10
CA LEU A 83 -7.03 9.01 -13.71
C LEU A 83 -6.83 8.78 -15.21
N PHE A 84 -7.49 7.76 -15.73
CA PHE A 84 -7.42 7.43 -17.14
C PHE A 84 -8.63 8.02 -17.84
N LEU A 85 -8.39 8.59 -19.05
CA LEU A 85 -9.46 9.19 -19.85
C LEU A 85 -9.36 8.76 -21.31
N GLN A 86 -10.48 8.36 -21.86
CA GLN A 86 -10.54 7.98 -23.27
C GLN A 86 -11.12 9.18 -24.02
N VAL A 87 -10.39 9.67 -25.01
CA VAL A 87 -10.84 10.83 -25.78
C VAL A 87 -11.35 10.25 -27.09
N PHE A 88 -12.66 10.32 -27.31
CA PHE A 88 -13.26 9.66 -28.46
C PHE A 88 -12.71 10.26 -29.76
N VAL A 89 -12.53 9.43 -30.80
CA VAL A 89 -11.88 9.91 -32.02
C VAL A 89 -12.82 10.85 -32.78
N ASP A 90 -14.09 10.46 -32.90
CA ASP A 90 -15.03 11.14 -33.78
C ASP A 90 -16.29 11.57 -33.06
N GLN A 91 -16.21 11.75 -31.74
CA GLN A 91 -17.31 12.27 -30.92
C GLN A 91 -16.71 13.25 -29.92
N ALA A 92 -17.46 14.29 -29.57
CA ALA A 92 -16.96 15.26 -28.60
C ALA A 92 -17.24 14.71 -27.20
N ILE A 93 -16.53 13.63 -26.88
CA ILE A 93 -16.82 12.85 -25.67
C ILE A 93 -15.51 12.41 -25.08
N VAL A 94 -15.34 12.64 -23.78
CA VAL A 94 -14.23 12.12 -22.98
C VAL A 94 -14.87 11.29 -21.85
N THR A 95 -14.45 10.03 -21.70
CA THR A 95 -15.03 9.16 -20.65
C THR A 95 -13.91 8.72 -19.71
N ASP A 96 -14.28 8.43 -18.47
CA ASP A 96 -13.32 7.93 -17.51
C ASP A 96 -13.69 6.47 -17.30
N ALA A 97 -13.54 5.71 -18.38
CA ALA A 97 -13.97 4.33 -18.42
C ALA A 97 -13.09 3.49 -17.51
N GLN A 98 -13.40 2.20 -17.43
CA GLN A 98 -12.55 1.25 -16.78
C GLN A 98 -11.14 1.25 -17.37
N ASN A 99 -10.16 1.26 -16.47
CA ASN A 99 -8.76 1.00 -16.81
C ASN A 99 -8.59 -0.26 -17.66
N SER A 100 -7.91 -0.13 -18.82
CA SER A 100 -7.49 -1.34 -19.53
C SER A 100 -6.06 -1.79 -19.21
N GLY A 101 -5.22 -0.93 -18.63
CA GLY A 101 -3.93 -1.32 -18.10
C GLY A 101 -2.73 -1.03 -18.97
N ASN A 102 -2.93 -0.35 -20.10
CA ASN A 102 -1.79 -0.06 -20.97
C ASN A 102 -1.23 1.35 -20.74
N ILE A 103 -2.11 2.36 -20.80
CA ILE A 103 -1.66 3.70 -20.46
C ILE A 103 -1.05 3.70 -19.05
N LEU A 104 -1.54 2.79 -18.16
CA LEU A 104 -1.03 2.69 -16.81
C LEU A 104 0.49 2.55 -16.80
N ALA A 105 1.03 1.82 -17.80
CA ALA A 105 2.45 1.55 -17.82
C ALA A 105 3.30 2.82 -17.89
N GLY A 106 2.84 3.89 -18.59
CA GLY A 106 3.62 5.12 -18.54
C GLY A 106 3.55 5.91 -17.24
N VAL A 107 2.61 5.59 -16.35
CA VAL A 107 2.37 6.43 -15.17
C VAL A 107 3.59 6.46 -14.22
N GLY A 108 4.17 5.29 -13.90
CA GLY A 108 5.33 5.24 -13.04
C GLY A 108 6.49 6.09 -13.55
N PRO A 109 6.92 5.83 -14.80
CA PRO A 109 8.03 6.63 -15.36
C PRO A 109 7.72 8.12 -15.42
N PHE A 110 6.49 8.45 -15.81
CA PHE A 110 6.08 9.86 -15.87
C PHE A 110 6.16 10.52 -14.49
N ALA A 111 5.70 9.81 -13.45
CA ALA A 111 5.73 10.41 -12.12
C ALA A 111 7.15 10.69 -11.70
N ILE A 112 8.06 9.79 -12.05
CA ILE A 112 9.43 10.00 -11.65
C ILE A 112 10.03 11.15 -12.42
N GLU A 113 9.82 11.17 -13.74
CA GLU A 113 10.33 12.25 -14.54
C GLU A 113 9.80 13.60 -14.06
N ARG A 114 8.53 13.66 -13.67
CA ARG A 114 8.00 14.94 -13.22
C ARG A 114 8.29 15.24 -11.76
N GLY A 115 8.99 14.39 -11.04
CA GLY A 115 9.28 14.69 -9.65
C GLY A 115 8.16 14.44 -8.65
N LEU A 116 7.03 13.85 -9.08
CA LEU A 116 6.07 13.35 -8.09
C LEU A 116 6.72 12.32 -7.20
N VAL A 117 7.55 11.46 -7.78
CA VAL A 117 8.36 10.51 -7.01
C VAL A 117 9.81 10.70 -7.38
N ALA A 118 10.70 10.82 -6.39
CA ALA A 118 12.12 10.94 -6.72
C ALA A 118 12.70 9.56 -7.02
N ALA A 119 13.71 9.52 -7.91
CA ALA A 119 14.45 8.28 -8.14
C ALA A 119 15.07 7.83 -6.84
N SER A 120 15.10 6.52 -6.61
CA SER A 120 15.63 6.00 -5.36
C SER A 120 16.49 4.78 -5.67
N GLY A 121 17.77 5.01 -5.95
CA GLY A 121 18.61 3.94 -6.42
C GLY A 121 18.40 3.68 -7.91
N ASP A 122 18.77 2.47 -8.34
CA ASP A 122 18.72 2.15 -9.76
C ASP A 122 17.34 1.66 -10.20
N GLU A 123 16.49 1.26 -9.25
CA GLU A 123 15.11 0.90 -9.52
C GLU A 123 14.23 1.64 -8.53
N THR A 124 13.01 1.97 -8.96
CA THR A 124 12.19 2.86 -8.15
C THR A 124 10.77 2.37 -8.19
N ARG A 125 10.22 2.09 -7.01
CA ARG A 125 8.87 1.58 -6.86
C ARG A 125 7.87 2.72 -6.94
N VAL A 126 6.79 2.56 -7.72
CA VAL A 126 5.74 3.56 -7.72
C VAL A 126 4.42 2.85 -7.42
N ALA A 127 3.78 3.28 -6.36
CA ALA A 127 2.51 2.72 -5.95
C ALA A 127 1.42 3.63 -6.51
N ILE A 128 0.58 3.09 -7.40
CA ILE A 128 -0.32 3.90 -8.22
C ILE A 128 -1.76 3.56 -7.87
N PHE A 129 -2.52 4.56 -7.44
CA PHE A 129 -3.95 4.35 -7.23
C PHE A 129 -4.67 4.65 -8.55
N MET A 130 -5.43 3.67 -9.05
N MET A 130 -5.46 3.69 -9.05
CA MET A 130 -6.23 3.84 -10.28
CA MET A 130 -6.19 3.87 -10.33
C MET A 130 -7.57 4.42 -9.86
C MET A 130 -7.58 4.39 -9.99
N GLU A 131 -7.74 5.72 -10.09
CA GLU A 131 -8.96 6.38 -9.66
C GLU A 131 -10.20 5.87 -10.36
N ASN A 132 -10.06 5.36 -11.58
CA ASN A 132 -11.25 4.94 -12.32
C ASN A 132 -11.94 3.77 -11.64
N THR A 133 -11.17 2.90 -11.01
CA THR A 133 -11.75 1.65 -10.51
C THR A 133 -11.42 1.40 -9.04
N GLY A 134 -10.49 2.13 -8.47
CA GLY A 134 -10.16 1.86 -7.08
C GLY A 134 -9.11 0.79 -6.90
N GLN A 135 -8.42 0.38 -7.94
CA GLN A 135 -7.39 -0.65 -7.88
C GLN A 135 -6.03 -0.04 -7.59
N VAL A 136 -5.09 -0.90 -7.17
CA VAL A 136 -3.72 -0.45 -6.92
C VAL A 136 -2.76 -1.22 -7.82
N ALA A 137 -1.84 -0.50 -8.46
CA ALA A 137 -0.79 -1.10 -9.27
C ALA A 137 0.54 -0.63 -8.72
N VAL A 138 1.43 -1.57 -8.40
CA VAL A 138 2.78 -1.22 -8.01
C VAL A 138 3.70 -1.50 -9.19
N ALA A 139 4.34 -0.43 -9.71
CA ALA A 139 5.20 -0.50 -10.87
C ALA A 139 6.64 -0.36 -10.43
N THR A 140 7.49 -1.20 -10.95
CA THR A 140 8.92 -1.13 -10.67
C THR A 140 9.57 -0.58 -11.93
N VAL A 141 10.25 0.57 -11.83
CA VAL A 141 10.78 1.19 -13.04
C VAL A 141 12.29 1.37 -12.91
N ARG A 142 13.00 1.10 -13.99
CA ARG A 142 14.43 1.34 -14.06
C ARG A 142 14.79 2.83 -14.00
N THR A 143 15.50 3.21 -12.94
CA THR A 143 16.05 4.56 -12.76
C THR A 143 17.57 4.50 -12.60
N PRO A 144 18.31 3.89 -13.54
CA PRO A 144 19.76 3.83 -13.36
C PRO A 144 20.33 5.23 -13.36
N GLY A 145 21.27 5.47 -12.46
CA GLY A 145 21.83 6.80 -12.38
C GLY A 145 20.90 7.88 -11.89
N GLY A 146 19.70 7.52 -11.45
CA GLY A 146 18.76 8.52 -10.98
C GLY A 146 17.88 9.12 -12.06
N SER A 147 17.78 8.47 -13.21
CA SER A 147 16.95 8.93 -14.33
C SER A 147 16.24 7.74 -14.94
N VAL A 148 14.94 7.87 -15.20
CA VAL A 148 14.19 6.82 -15.86
C VAL A 148 14.86 6.43 -17.18
N THR A 149 14.85 5.13 -17.50
CA THR A 149 15.25 4.66 -18.81
C THR A 149 14.10 3.88 -19.44
N TYR A 150 14.03 3.94 -20.77
CA TYR A 150 13.02 3.21 -21.52
C TYR A 150 13.67 2.14 -22.37
N ALA A 151 14.98 2.03 -22.33
CA ALA A 151 15.73 1.03 -23.05
C ALA A 151 15.87 -0.24 -22.22
N GLY A 152 15.96 -1.38 -22.90
CA GLY A 152 16.20 -2.63 -22.19
C GLY A 152 15.81 -3.81 -23.08
N ASP A 153 15.64 -4.96 -22.44
CA ASP A 153 15.49 -6.23 -23.14
C ASP A 153 14.07 -6.80 -23.06
N ALA A 154 13.14 -6.10 -22.43
CA ALA A 154 11.75 -6.55 -22.34
C ALA A 154 11.01 -6.48 -23.66
N ALA A 155 10.13 -7.46 -23.92
CA ALA A 155 9.26 -7.35 -25.08
C ALA A 155 7.81 -7.54 -24.67
N ILE A 156 6.89 -6.91 -25.41
CA ILE A 156 5.48 -7.28 -25.33
C ILE A 156 4.89 -7.39 -26.71
N ASP A 157 4.01 -8.38 -26.86
CA ASP A 157 3.38 -8.57 -28.16
C ASP A 157 2.68 -7.27 -28.59
N GLY A 158 2.81 -6.91 -29.88
CA GLY A 158 2.22 -5.68 -30.40
C GLY A 158 3.12 -4.46 -30.36
N VAL A 159 4.33 -4.58 -29.83
CA VAL A 159 5.27 -3.47 -29.76
C VAL A 159 6.60 -3.93 -30.36
N PRO A 160 7.07 -3.30 -31.44
CA PRO A 160 8.37 -3.65 -32.00
C PRO A 160 9.48 -3.35 -31.03
N GLY A 161 10.58 -4.09 -31.16
CA GLY A 161 11.84 -4.06 -30.45
C GLY A 161 11.64 -4.35 -28.96
N THR A 162 12.59 -3.86 -28.17
CA THR A 162 12.63 -4.10 -26.74
C THR A 162 12.81 -2.80 -25.96
N HIS A 163 12.36 -2.83 -24.70
CA HIS A 163 12.32 -1.65 -23.84
C HIS A 163 12.67 -2.06 -22.40
N ALA A 164 12.76 -1.07 -21.50
CA ALA A 164 12.95 -1.38 -20.08
C ALA A 164 11.71 -2.07 -19.53
N PRO A 165 11.88 -3.17 -18.80
CA PRO A 165 10.73 -3.80 -18.17
C PRO A 165 10.13 -2.90 -17.10
N ILE A 166 8.81 -2.97 -17.00
CA ILE A 166 8.09 -2.35 -15.90
C ILE A 166 7.19 -3.41 -15.29
N PRO A 167 7.73 -4.22 -14.41
CA PRO A 167 6.88 -5.23 -13.75
C PRO A 167 5.85 -4.54 -12.88
N THR A 168 4.59 -5.00 -13.00
CA THR A 168 3.43 -4.32 -12.44
C THR A 168 2.64 -5.33 -11.61
N GLU A 169 2.39 -5.01 -10.35
CA GLU A 169 1.66 -5.89 -9.44
C GLU A 169 0.34 -5.25 -9.02
N PHE A 170 -0.75 -5.92 -9.34
CA PHE A 170 -2.09 -5.41 -9.10
C PHE A 170 -2.67 -5.99 -7.82
N ARG A 171 -3.27 -5.11 -7.00
CA ARG A 171 -3.99 -5.48 -5.79
C ARG A 171 -5.32 -4.73 -5.78
N ASP A 172 -6.25 -5.23 -4.97
CA ASP A 172 -7.61 -4.70 -4.87
C ASP A 172 -8.29 -4.69 -6.24
N THR A 173 -8.04 -5.77 -6.99
CA THR A 173 -8.69 -6.00 -8.27
C THR A 173 -10.10 -6.52 -8.13
N ALA A 174 -10.34 -7.31 -7.09
CA ALA A 174 -11.57 -8.07 -6.93
C ALA A 174 -12.79 -7.17 -6.88
N GLY A 175 -13.68 -7.36 -7.85
CA GLY A 175 -14.88 -6.56 -7.87
C GLY A 175 -14.60 -5.09 -8.05
N SER A 176 -13.53 -4.75 -8.77
CA SER A 176 -13.16 -3.37 -9.10
C SER A 176 -14.41 -2.56 -9.42
N SER A 177 -15.20 -3.06 -10.37
CA SER A 177 -16.36 -2.36 -10.88
C SER A 177 -17.70 -2.97 -10.46
N CYS A 178 -17.75 -4.28 -10.24
CA CYS A 178 -19.00 -4.97 -9.97
C CYS A 178 -19.32 -5.05 -8.48
N GLY A 179 -18.42 -4.64 -7.62
CA GLY A 179 -18.62 -4.74 -6.18
C GLY A 179 -18.36 -6.10 -5.57
N ALA A 180 -18.04 -7.10 -6.39
CA ALA A 180 -17.78 -8.46 -5.96
C ALA A 180 -16.99 -9.16 -7.06
N LEU A 181 -16.18 -10.15 -6.66
CA LEU A 181 -15.54 -10.99 -7.64
C LEU A 181 -16.59 -11.62 -8.54
N LEU A 182 -17.65 -12.14 -7.92
CA LEU A 182 -18.75 -12.81 -8.64
C LEU A 182 -20.07 -12.09 -8.36
N PRO A 183 -20.40 -11.05 -9.14
CA PRO A 183 -21.57 -10.23 -8.79
C PRO A 183 -22.91 -10.99 -8.81
N SER A 184 -22.98 -12.13 -9.47
CA SER A 184 -24.17 -12.97 -9.37
C SER A 184 -24.17 -13.84 -8.12
N GLY A 185 -23.02 -14.01 -7.46
CA GLY A 185 -22.89 -14.99 -6.39
C GLY A 185 -22.68 -16.41 -6.87
N ASN A 186 -22.74 -16.64 -8.18
CA ASN A 186 -22.58 -17.96 -8.77
C ASN A 186 -21.28 -18.02 -9.56
N ALA A 187 -20.63 -19.19 -9.51
CA ALA A 187 -19.51 -19.44 -10.41
C ALA A 187 -19.97 -19.43 -11.86
N VAL A 188 -21.17 -19.97 -12.12
CA VAL A 188 -21.69 -20.08 -13.48
C VAL A 188 -23.14 -19.64 -13.50
N ASP A 189 -23.53 -18.98 -14.60
CA ASP A 189 -24.92 -18.62 -14.89
C ASP A 189 -25.26 -19.04 -16.32
N VAL A 190 -26.43 -19.66 -16.49
CA VAL A 190 -26.93 -19.94 -17.84
C VAL A 190 -27.59 -18.69 -18.39
N VAL A 191 -27.13 -18.24 -19.57
CA VAL A 191 -27.63 -17.03 -20.22
C VAL A 191 -27.87 -17.37 -21.68
N ASN A 192 -29.08 -17.07 -22.18
CA ASN A 192 -29.50 -17.50 -23.52
C ASN A 192 -29.05 -18.93 -23.78
N GLY A 193 -29.29 -19.80 -22.79
CA GLY A 193 -28.99 -21.22 -22.88
C GLY A 193 -27.53 -21.60 -22.77
N LEU A 194 -26.66 -20.65 -22.53
CA LEU A 194 -25.23 -20.91 -22.51
C LEU A 194 -24.66 -20.72 -21.11
N PRO A 195 -23.72 -21.57 -20.68
CA PRO A 195 -23.05 -21.35 -19.40
C PRO A 195 -21.97 -20.28 -19.54
N VAL A 196 -21.96 -19.31 -18.63
CA VAL A 196 -20.97 -18.25 -18.64
C VAL A 196 -20.54 -17.99 -17.20
N THR A 197 -19.43 -17.27 -17.04
CA THR A 197 -18.98 -16.79 -15.74
C THR A 197 -18.99 -15.27 -15.78
N LEU A 198 -19.70 -14.66 -14.82
CA LEU A 198 -19.70 -13.21 -14.67
C LEU A 198 -18.66 -12.93 -13.57
N ILE A 199 -17.54 -12.32 -13.97
CA ILE A 199 -16.40 -12.19 -13.08
C ILE A 199 -15.76 -10.81 -13.23
N ASP A 200 -15.24 -10.30 -12.09
CA ASP A 200 -14.53 -8.99 -12.01
C ASP A 200 -13.31 -9.14 -11.10
N ASN A 201 -12.18 -9.55 -11.66
CA ASN A 201 -10.93 -9.38 -10.93
C ASN A 201 -10.05 -8.38 -11.64
N GLY A 202 -10.57 -7.17 -11.86
CA GLY A 202 -9.80 -6.03 -12.39
C GLY A 202 -10.46 -5.39 -13.59
N MET A 203 -11.38 -6.14 -14.21
CA MET A 203 -12.13 -5.79 -15.40
C MET A 203 -13.37 -6.69 -15.44
N PRO A 204 -14.58 -6.14 -15.43
CA PRO A 204 -15.77 -7.01 -15.56
C PRO A 204 -15.74 -7.74 -16.90
N CYS A 205 -15.82 -9.07 -16.81
CA CYS A 205 -15.82 -9.94 -17.97
C CYS A 205 -16.96 -10.94 -17.91
N VAL A 206 -17.45 -11.31 -19.09
CA VAL A 206 -18.25 -12.53 -19.25
C VAL A 206 -17.32 -13.56 -19.89
N VAL A 207 -17.14 -14.69 -19.24
CA VAL A 207 -16.22 -15.73 -19.70
C VAL A 207 -17.07 -16.94 -20.10
N MET A 208 -16.98 -17.33 -21.37
CA MET A 208 -17.72 -18.44 -21.95
C MET A 208 -16.83 -19.15 -22.96
N LYS A 209 -17.17 -20.40 -23.29
CA LYS A 209 -16.36 -21.17 -24.23
C LYS A 209 -16.57 -20.69 -25.65
N ALA A 210 -15.47 -20.48 -26.37
CA ALA A 210 -15.54 -20.21 -27.80
C ALA A 210 -16.44 -21.21 -28.51
N ALA A 211 -16.27 -22.50 -28.22
CA ALA A 211 -17.02 -23.53 -28.91
C ALA A 211 -18.53 -23.36 -28.68
N ASP A 212 -18.91 -22.89 -27.50
CA ASP A 212 -20.32 -22.74 -27.14
C ASP A 212 -21.03 -21.66 -27.96
N VAL A 213 -20.29 -20.71 -28.54
CA VAL A 213 -20.85 -19.72 -29.46
C VAL A 213 -20.41 -19.95 -30.90
N GLY A 214 -20.01 -21.17 -31.25
CA GLY A 214 -19.93 -21.57 -32.64
C GLY A 214 -18.64 -21.24 -33.36
N ILE A 215 -17.59 -20.90 -32.64
CA ILE A 215 -16.25 -20.70 -33.18
C ILE A 215 -15.30 -21.59 -32.39
N THR A 216 -14.09 -21.76 -32.91
CA THR A 216 -13.13 -22.57 -32.17
C THR A 216 -12.38 -21.76 -31.13
N GLY A 217 -12.25 -20.45 -31.35
CA GLY A 217 -11.43 -19.60 -30.49
C GLY A 217 -10.02 -19.40 -30.97
N TYR A 218 -9.66 -19.98 -32.11
CA TYR A 218 -8.33 -19.81 -32.68
C TYR A 218 -8.35 -18.96 -33.94
N GLU A 219 -9.52 -18.44 -34.32
CA GLU A 219 -9.62 -17.62 -35.52
C GLU A 219 -8.81 -16.35 -35.35
N ASP A 220 -8.37 -15.80 -36.48
CA ASP A 220 -7.64 -14.54 -36.39
C ASP A 220 -8.60 -13.37 -36.19
N ARG A 221 -8.01 -12.21 -35.88
N ARG A 221 -8.03 -12.22 -35.83
CA ARG A 221 -8.78 -11.04 -35.46
CA ARG A 221 -8.85 -11.07 -35.48
C ARG A 221 -9.63 -10.44 -36.59
C ARG A 221 -9.76 -10.64 -36.63
N ASP A 222 -9.24 -10.64 -37.85
CA ASP A 222 -10.04 -10.17 -38.98
C ASP A 222 -11.28 -11.03 -39.20
N SER A 223 -11.11 -12.36 -39.18
CA SER A 223 -12.26 -13.26 -39.29
C SER A 223 -13.27 -13.05 -38.15
N LEU A 224 -12.78 -12.84 -36.92
CA LEU A 224 -13.69 -12.62 -35.80
C LEU A 224 -14.48 -11.33 -35.97
N ASP A 225 -13.79 -10.26 -36.34
CA ASP A 225 -14.47 -8.99 -36.59
C ASP A 225 -15.51 -9.06 -37.70
N ALA A 226 -15.41 -10.05 -38.58
CA ALA A 226 -16.32 -10.20 -39.71
C ALA A 226 -17.42 -11.20 -39.42
N ASN A 227 -17.41 -11.78 -38.23
CA ASN A 227 -18.38 -12.84 -37.92
C ASN A 227 -19.59 -12.17 -37.27
N ALA A 228 -20.53 -11.77 -38.12
CA ALA A 228 -21.71 -11.04 -37.69
C ALA A 228 -22.57 -11.87 -36.75
N GLU A 229 -22.70 -13.17 -37.02
CA GLU A 229 -23.55 -13.99 -36.18
C GLU A 229 -22.90 -14.23 -34.82
N LEU A 230 -21.58 -14.37 -34.78
CA LEU A 230 -20.90 -14.44 -33.48
C LEU A 230 -21.12 -13.17 -32.68
N LYS A 231 -20.86 -12.01 -33.29
CA LYS A 231 -21.03 -10.73 -32.62
C LYS A 231 -22.46 -10.54 -32.11
N ALA A 232 -23.46 -10.84 -32.96
CA ALA A 232 -24.84 -10.68 -32.52
C ALA A 232 -25.16 -11.59 -31.35
N LYS A 233 -24.63 -12.82 -31.38
CA LYS A 233 -24.89 -13.78 -30.31
C LYS A 233 -24.29 -13.33 -28.98
N ILE A 234 -23.00 -12.98 -28.96
CA ILE A 234 -22.40 -12.61 -27.68
C ILE A 234 -22.94 -11.27 -27.22
N GLU A 235 -23.28 -10.37 -28.16
CA GLU A 235 -23.81 -9.07 -27.74
C GLU A 235 -25.17 -9.21 -27.05
N ALA A 236 -26.00 -10.15 -27.50
CA ALA A 236 -27.24 -10.40 -26.80
C ALA A 236 -26.97 -10.91 -25.39
N ILE A 237 -25.88 -11.67 -25.21
CA ILE A 237 -25.51 -12.13 -23.88
C ILE A 237 -25.09 -10.96 -23.00
N ARG A 238 -24.20 -10.10 -23.53
CA ARG A 238 -23.74 -8.94 -22.78
C ARG A 238 -24.92 -8.09 -22.30
N LEU A 239 -25.81 -7.71 -23.22
CA LEU A 239 -26.95 -6.88 -22.85
C LEU A 239 -27.82 -7.57 -21.80
N ALA A 240 -27.89 -8.91 -21.84
CA ALA A 240 -28.72 -9.66 -20.90
C ALA A 240 -28.17 -9.67 -19.47
N VAL A 241 -26.86 -9.50 -19.29
CA VAL A 241 -26.25 -9.69 -17.98
C VAL A 241 -25.86 -8.40 -17.30
N GLY A 242 -26.11 -7.25 -17.93
CA GLY A 242 -25.61 -5.99 -17.38
C GLY A 242 -26.12 -5.71 -15.97
N GLU A 243 -27.42 -5.94 -15.75
CA GLU A 243 -27.99 -5.74 -14.42
C GLU A 243 -27.40 -6.71 -13.40
N LEU A 244 -27.37 -8.00 -13.73
CA LEU A 244 -26.80 -9.03 -12.87
C LEU A 244 -25.41 -8.67 -12.37
N MET A 245 -24.61 -8.01 -13.20
CA MET A 245 -23.24 -7.65 -12.84
C MET A 245 -23.16 -6.31 -12.13
N ASN A 246 -24.30 -5.74 -11.75
CA ASN A 246 -24.35 -4.43 -11.11
C ASN A 246 -23.83 -3.36 -12.05
N LEU A 247 -24.06 -3.51 -13.34
CA LEU A 247 -23.57 -2.57 -14.33
C LEU A 247 -24.69 -1.76 -14.98
N GLY A 248 -25.94 -1.97 -14.56
CA GLY A 248 -27.05 -1.28 -15.16
C GLY A 248 -27.20 -1.65 -16.62
N ASP A 249 -27.67 -0.67 -17.39
CA ASP A 249 -27.92 -0.88 -18.81
C ASP A 249 -26.59 -0.74 -19.53
N VAL A 250 -26.08 -1.85 -20.08
CA VAL A 250 -24.74 -1.82 -20.63
C VAL A 250 -24.73 -1.44 -22.11
N THR A 251 -25.88 -1.00 -22.64
CA THR A 251 -26.01 -0.83 -24.09
C THR A 251 -24.90 0.04 -24.66
N GLU A 252 -24.78 1.28 -24.19
CA GLU A 252 -23.69 2.14 -24.66
C GLU A 252 -22.51 2.13 -23.70
N LYS A 253 -22.33 1.02 -22.97
CA LYS A 253 -21.19 0.88 -22.09
C LYS A 253 -20.11 0.06 -22.76
N SER A 254 -18.90 0.19 -22.24
CA SER A 254 -17.72 -0.53 -22.71
C SER A 254 -17.53 -1.85 -22.00
N VAL A 255 -18.40 -2.19 -21.04
CA VAL A 255 -18.21 -3.38 -20.22
C VAL A 255 -19.52 -4.13 -20.17
N PRO A 256 -19.48 -5.45 -19.87
CA PRO A 256 -18.24 -6.22 -19.64
C PRO A 256 -17.58 -6.63 -20.93
N LYS A 257 -16.29 -6.94 -20.81
CA LYS A 257 -15.56 -7.54 -21.93
C LYS A 257 -16.04 -8.97 -22.12
N MET A 258 -16.20 -9.37 -23.38
CA MET A 258 -16.62 -10.73 -23.70
C MET A 258 -15.37 -11.55 -23.97
N MET A 259 -15.16 -12.62 -23.20
N MET A 259 -15.15 -12.59 -23.17
CA MET A 259 -13.95 -13.42 -23.25
CA MET A 259 -13.96 -13.43 -23.25
C MET A 259 -14.31 -14.84 -23.66
C MET A 259 -14.39 -14.82 -23.70
N LEU A 260 -13.95 -15.20 -24.89
CA LEU A 260 -14.24 -16.50 -25.47
C LEU A 260 -13.02 -17.39 -25.28
N VAL A 261 -13.14 -18.41 -24.43
CA VAL A 261 -11.99 -19.22 -24.06
C VAL A 261 -12.07 -20.56 -24.74
N ALA A 262 -10.90 -21.07 -25.09
CA ALA A 262 -10.73 -22.37 -25.69
C ALA A 262 -9.53 -23.00 -25.00
N PRO A 263 -9.37 -24.32 -25.07
CA PRO A 263 -8.20 -24.97 -24.50
C PRO A 263 -6.93 -24.34 -25.03
N PRO A 264 -5.85 -24.35 -24.26
CA PRO A 264 -4.59 -23.79 -24.75
C PRO A 264 -4.03 -24.67 -25.84
N ARG A 265 -3.31 -24.04 -26.77
CA ARG A 265 -2.72 -24.73 -27.91
C ARG A 265 -1.21 -24.66 -27.97
N ASP A 266 -0.58 -23.64 -27.38
CA ASP A 266 0.87 -23.49 -27.38
C ASP A 266 1.47 -23.79 -26.00
N GLY A 267 0.91 -24.78 -25.30
CA GLY A 267 1.39 -25.15 -23.98
C GLY A 267 1.03 -24.20 -22.85
N GLY A 268 0.12 -23.28 -23.09
CA GLY A 268 -0.20 -22.24 -22.13
C GLY A 268 -1.32 -22.69 -21.22
N ALA A 269 -1.89 -21.72 -20.53
CA ALA A 269 -2.98 -21.96 -19.60
C ALA A 269 -4.34 -21.96 -20.29
N VAL A 270 -4.55 -21.02 -21.21
CA VAL A 270 -5.84 -20.86 -21.85
C VAL A 270 -5.63 -20.01 -23.09
N CYS A 271 -6.54 -20.15 -24.04
CA CYS A 271 -6.60 -19.34 -25.25
C CYS A 271 -7.84 -18.48 -25.16
N VAL A 272 -7.72 -17.19 -25.53
CA VAL A 272 -8.80 -16.23 -25.36
C VAL A 272 -8.93 -15.43 -26.64
N ARG A 273 -10.17 -15.16 -27.05
CA ARG A 273 -10.48 -14.14 -28.04
C ARG A 273 -11.40 -13.16 -27.32
N SER A 274 -11.04 -11.88 -27.32
CA SER A 274 -11.74 -10.89 -26.51
C SER A 274 -12.50 -9.90 -27.38
N PHE A 275 -13.76 -9.64 -27.02
CA PHE A 275 -14.52 -8.55 -27.61
C PHE A 275 -14.77 -7.51 -26.53
N ILE A 276 -14.47 -6.25 -26.85
CA ILE A 276 -14.20 -5.25 -25.82
C ILE A 276 -15.11 -4.02 -25.87
N PRO A 277 -16.43 -4.14 -26.11
CA PRO A 277 -17.28 -5.33 -26.28
C PRO A 277 -17.58 -5.69 -27.74
N HIS A 278 -17.28 -4.82 -28.72
CA HIS A 278 -17.81 -5.02 -30.06
C HIS A 278 -16.78 -5.37 -31.11
N ARG A 279 -15.53 -4.99 -30.93
CA ARG A 279 -14.47 -5.42 -31.83
C ARG A 279 -13.51 -6.36 -31.11
N ALA A 280 -12.83 -7.19 -31.88
CA ALA A 280 -11.89 -8.14 -31.30
C ALA A 280 -10.61 -7.44 -30.90
N HIS A 281 -10.15 -7.72 -29.71
CA HIS A 281 -8.87 -7.21 -29.26
C HIS A 281 -7.75 -7.88 -30.05
N ALA A 282 -6.72 -7.09 -30.41
CA ALA A 282 -5.58 -7.67 -31.12
C ALA A 282 -4.78 -8.62 -30.25
N THR A 283 -4.72 -8.35 -28.95
CA THR A 283 -4.06 -9.23 -27.98
C THR A 283 -5.10 -9.53 -26.91
N ILE A 284 -4.87 -9.03 -25.69
CA ILE A 284 -5.86 -9.02 -24.63
C ILE A 284 -5.53 -7.85 -23.70
N GLY A 285 -6.56 -7.24 -23.11
CA GLY A 285 -6.30 -6.22 -22.11
C GLY A 285 -5.61 -6.81 -20.88
N VAL A 286 -4.80 -5.98 -20.20
CA VAL A 286 -4.04 -6.47 -19.03
C VAL A 286 -5.00 -6.92 -17.94
N LEU A 287 -5.95 -6.06 -17.59
CA LEU A 287 -6.84 -6.39 -16.47
C LEU A 287 -7.84 -7.47 -16.86
N GLY A 288 -8.24 -7.52 -18.14
CA GLY A 288 -9.03 -8.65 -18.60
C GLY A 288 -8.27 -9.96 -18.53
N ALA A 289 -6.95 -9.91 -18.72
CA ALA A 289 -6.15 -11.13 -18.53
C ALA A 289 -6.24 -11.57 -17.07
N VAL A 290 -6.15 -10.63 -16.13
CA VAL A 290 -6.26 -11.04 -14.72
C VAL A 290 -7.63 -11.66 -14.45
N SER A 291 -8.71 -11.05 -14.97
CA SER A 291 -10.03 -11.63 -14.75
C SER A 291 -10.15 -13.03 -15.33
N VAL A 292 -9.64 -13.24 -16.55
CA VAL A 292 -9.71 -14.55 -17.19
C VAL A 292 -8.83 -15.57 -16.46
N ALA A 293 -7.62 -15.18 -16.07
CA ALA A 293 -6.74 -16.09 -15.34
C ALA A 293 -7.36 -16.52 -14.00
N THR A 294 -8.09 -15.60 -13.36
CA THR A 294 -8.81 -15.90 -12.12
C THR A 294 -9.97 -16.87 -12.36
N ALA A 295 -10.74 -16.65 -13.42
CA ALA A 295 -11.85 -17.53 -13.76
C ALA A 295 -11.36 -18.93 -14.06
N CYS A 296 -10.12 -19.06 -14.55
CA CYS A 296 -9.55 -20.38 -14.79
C CYS A 296 -9.51 -21.22 -13.53
N LEU A 297 -9.59 -20.60 -12.37
CA LEU A 297 -9.44 -21.33 -11.13
C LEU A 297 -10.74 -21.73 -10.47
N ILE A 298 -11.88 -21.31 -10.98
CA ILE A 298 -13.17 -21.56 -10.33
C ILE A 298 -13.78 -22.83 -10.92
N PRO A 299 -14.09 -23.86 -10.11
CA PRO A 299 -14.25 -25.21 -10.66
C PRO A 299 -15.54 -25.44 -11.45
N GLY A 300 -15.44 -26.31 -12.48
CA GLY A 300 -16.54 -26.62 -13.39
C GLY A 300 -16.91 -25.47 -14.33
N SER A 301 -16.51 -24.25 -13.97
CA SER A 301 -16.79 -23.04 -14.74
C SER A 301 -16.26 -23.13 -16.17
N PRO A 302 -16.91 -22.44 -17.12
CA PRO A 302 -16.48 -22.56 -18.52
C PRO A 302 -14.98 -22.48 -18.68
N ALA A 303 -14.34 -21.51 -18.03
CA ALA A 303 -12.89 -21.36 -18.17
C ALA A 303 -12.13 -22.46 -17.45
N ALA A 304 -12.63 -22.92 -16.31
CA ALA A 304 -12.04 -24.09 -15.67
C ALA A 304 -12.09 -25.31 -16.58
N GLU A 305 -13.18 -25.44 -17.35
CA GLU A 305 -13.32 -26.66 -18.16
C GLU A 305 -12.30 -26.69 -19.30
N VAL A 306 -11.88 -25.52 -19.82
CA VAL A 306 -10.96 -25.50 -20.95
C VAL A 306 -9.49 -25.31 -20.54
N ALA A 307 -9.22 -24.74 -19.36
CA ALA A 307 -7.89 -24.32 -18.99
C ALA A 307 -7.02 -25.47 -18.49
N VAL A 308 -5.69 -25.31 -18.63
CA VAL A 308 -4.73 -26.16 -17.94
C VAL A 308 -4.08 -25.32 -16.85
N VAL A 309 -4.40 -25.59 -15.59
CA VAL A 309 -4.00 -24.73 -14.48
C VAL A 309 -2.86 -25.40 -13.72
N PRO A 310 -1.71 -24.76 -13.55
CA PRO A 310 -0.60 -25.40 -12.84
C PRO A 310 -0.80 -25.44 -11.34
N GLU A 311 -0.24 -26.50 -10.73
CA GLU A 311 -0.16 -26.58 -9.28
C GLU A 311 0.79 -25.51 -8.73
N GLY A 312 0.54 -25.10 -7.50
CA GLY A 312 1.46 -24.22 -6.79
C GLY A 312 0.78 -22.95 -6.34
N ALA A 313 1.30 -22.32 -5.29
CA ALA A 313 0.67 -21.11 -4.76
C ALA A 313 0.94 -19.89 -5.62
N ARG A 314 2.02 -19.90 -6.42
CA ARG A 314 2.38 -18.83 -7.34
C ARG A 314 2.21 -19.38 -8.76
N LYS A 315 1.03 -19.13 -9.36
CA LYS A 315 0.61 -19.74 -10.61
C LYS A 315 0.91 -18.81 -11.80
N THR A 316 1.74 -19.27 -12.72
CA THR A 316 2.02 -18.48 -13.92
C THR A 316 1.15 -18.99 -15.06
N LEU A 317 0.22 -18.15 -15.53
CA LEU A 317 -0.80 -18.56 -16.49
C LEU A 317 -0.52 -17.79 -17.77
N SER A 318 -0.11 -18.51 -18.82
CA SER A 318 0.17 -17.89 -20.10
C SER A 318 -1.15 -17.83 -20.87
N ILE A 319 -1.68 -16.62 -21.02
CA ILE A 319 -2.96 -16.38 -21.67
C ILE A 319 -2.67 -16.17 -23.16
N GLU A 320 -2.99 -17.17 -23.97
CA GLU A 320 -2.74 -17.07 -25.41
C GLU A 320 -3.82 -16.22 -26.09
N HIS A 321 -3.40 -15.37 -27.05
CA HIS A 321 -4.33 -14.44 -27.69
C HIS A 321 -4.04 -14.43 -29.19
N PRO A 322 -4.73 -13.63 -30.02
CA PRO A 322 -4.51 -13.72 -31.47
C PRO A 322 -3.06 -13.66 -31.88
N THR A 323 -2.26 -12.76 -31.31
CA THR A 323 -0.93 -12.51 -31.83
C THR A 323 0.17 -12.93 -30.88
N GLY A 324 -0.12 -13.85 -29.96
CA GLY A 324 0.91 -14.32 -29.06
C GLY A 324 0.39 -14.83 -27.73
N GLU A 325 0.96 -14.31 -26.64
CA GLU A 325 0.49 -14.68 -25.32
C GLU A 325 0.89 -13.60 -24.34
N MET A 326 0.11 -13.43 -23.28
CA MET A 326 0.44 -12.51 -22.21
C MET A 326 0.43 -13.31 -20.93
N SER A 327 1.49 -13.19 -20.15
CA SER A 327 1.66 -14.07 -19.02
C SER A 327 1.28 -13.36 -17.73
N CYS A 328 0.56 -14.07 -16.88
CA CYS A 328 -0.04 -13.50 -15.69
C CYS A 328 0.40 -14.37 -14.52
N VAL A 329 1.06 -13.76 -13.51
CA VAL A 329 1.49 -14.49 -12.32
C VAL A 329 0.49 -14.24 -11.19
N LEU A 330 -0.33 -15.23 -10.88
CA LEU A 330 -1.28 -15.14 -9.79
C LEU A 330 -0.64 -15.68 -8.52
N GLU A 331 -0.77 -14.94 -7.42
CA GLU A 331 -0.28 -15.36 -6.11
C GLU A 331 -1.52 -15.70 -5.31
N VAL A 332 -1.68 -16.98 -5.01
CA VAL A 332 -2.94 -17.55 -4.53
C VAL A 332 -2.70 -17.99 -3.08
N ASP A 333 -3.51 -17.44 -2.16
CA ASP A 333 -3.33 -17.76 -0.75
C ASP A 333 -3.90 -19.14 -0.46
N ASP A 334 -3.53 -19.68 0.71
CA ASP A 334 -3.98 -21.02 1.07
C ASP A 334 -5.51 -21.14 1.05
N ALA A 335 -6.23 -20.03 1.19
CA ALA A 335 -7.68 -20.05 1.02
C ALA A 335 -8.14 -20.05 -0.44
N GLY A 336 -7.24 -19.82 -1.40
CA GLY A 336 -7.54 -20.03 -2.81
C GLY A 336 -7.89 -18.77 -3.58
N ASN A 337 -8.19 -17.68 -2.89
CA ASN A 337 -8.45 -16.41 -3.56
C ASN A 337 -7.15 -15.84 -4.11
N VAL A 338 -7.27 -14.98 -5.11
CA VAL A 338 -6.06 -14.40 -5.67
C VAL A 338 -5.63 -13.22 -4.81
N VAL A 339 -4.40 -13.26 -4.30
CA VAL A 339 -3.90 -12.17 -3.48
C VAL A 339 -3.23 -11.07 -4.28
N SER A 340 -2.62 -11.40 -5.42
CA SER A 340 -2.08 -10.38 -6.30
C SER A 340 -1.90 -10.96 -7.70
N ALA A 341 -1.88 -10.09 -8.68
CA ALA A 341 -1.55 -10.51 -10.04
C ALA A 341 -0.42 -9.64 -10.57
N ALA A 342 0.64 -10.28 -11.08
CA ALA A 342 1.80 -9.57 -11.62
C ALA A 342 1.94 -9.77 -13.13
N LEU A 343 2.11 -8.67 -13.85
CA LEU A 343 2.19 -8.74 -15.30
C LEU A 343 3.23 -7.73 -15.76
N LEU A 344 3.88 -8.03 -16.88
CA LEU A 344 4.95 -7.21 -17.41
C LEU A 344 4.37 -6.12 -18.34
N ARG A 345 4.85 -4.90 -18.17
CA ARG A 345 4.52 -3.83 -19.12
C ARG A 345 5.80 -3.18 -19.60
N THR A 346 5.68 -2.41 -20.68
CA THR A 346 6.75 -1.50 -21.07
C THR A 346 6.12 -0.18 -21.48
N ALA A 347 6.92 0.87 -21.47
CA ALA A 347 6.50 2.19 -21.96
C ALA A 347 7.70 2.89 -22.55
N ARG A 348 7.45 4.03 -23.23
CA ARG A 348 8.48 4.87 -23.82
C ARG A 348 8.01 6.33 -23.90
N LYS A 349 8.85 7.23 -23.44
CA LYS A 349 8.60 8.65 -23.59
C LYS A 349 8.93 8.99 -25.03
N LEU A 350 7.96 9.54 -25.76
CA LEU A 350 8.06 9.79 -27.18
C LEU A 350 8.32 11.28 -27.48
N MET A 351 7.62 12.16 -26.78
CA MET A 351 7.85 13.59 -26.95
C MET A 351 7.49 14.22 -25.63
N ASP A 352 8.28 15.20 -25.23
CA ASP A 352 7.97 15.96 -24.03
C ASP A 352 7.97 17.44 -24.34
N GLY A 353 6.96 18.15 -23.83
CA GLY A 353 6.97 19.60 -23.96
C GLY A 353 5.62 20.20 -23.64
N VAL A 354 5.04 20.90 -24.60
CA VAL A 354 3.81 21.61 -24.29
C VAL A 354 2.84 21.31 -25.41
N VAL A 355 1.58 21.10 -25.07
CA VAL A 355 0.54 20.90 -26.09
C VAL A 355 -0.29 22.17 -26.17
N PHE A 356 -0.80 22.44 -27.36
CA PHE A 356 -1.55 23.67 -27.61
C PHE A 356 -2.94 23.38 -28.14
N VAL A 357 -3.87 24.23 -27.75
CA VAL A 357 -5.19 24.27 -28.34
C VAL A 357 -5.48 25.70 -28.77
N LEU A 358 -6.42 25.83 -29.70
CA LEU A 358 -6.83 27.13 -30.22
C LEU A 358 -7.44 28.04 -29.14
N ASN B 7 -23.01 -4.75 28.92
CA ASN B 7 -23.80 -5.83 28.35
C ASN B 7 -22.89 -6.99 27.89
N MET B 8 -21.83 -6.68 27.15
CA MET B 8 -20.90 -7.69 26.63
C MET B 8 -20.13 -8.35 27.78
N ASP B 9 -20.20 -9.68 27.87
N ASP B 9 -20.20 -9.70 27.86
CA ASP B 9 -19.54 -10.34 28.99
CA ASP B 9 -19.62 -10.46 28.99
C ASP B 9 -18.18 -10.95 28.64
C ASP B 9 -18.33 -11.22 28.64
N SER B 10 -17.95 -11.32 27.38
CA SER B 10 -16.67 -11.94 27.00
C SER B 10 -16.38 -11.67 25.53
N ALA B 11 -15.14 -11.94 25.12
CA ALA B 11 -14.76 -11.83 23.71
C ALA B 11 -13.56 -12.73 23.44
N PRO B 12 -13.46 -13.31 22.26
CA PRO B 12 -12.19 -13.92 21.87
C PRO B 12 -11.06 -12.90 21.91
N CYS B 13 -9.86 -13.37 22.26
CA CYS B 13 -8.76 -12.44 22.45
C CYS B 13 -7.47 -13.22 22.47
N MET B 14 -6.43 -12.69 21.87
CA MET B 14 -5.11 -13.28 21.95
C MET B 14 -4.20 -12.33 22.72
N TRP B 15 -3.59 -12.85 23.79
CA TRP B 15 -2.59 -12.12 24.55
C TRP B 15 -1.25 -12.35 23.85
N MET B 16 -0.57 -11.26 23.44
CA MET B 16 0.71 -11.34 22.75
C MET B 16 1.72 -10.39 23.37
N ARG B 17 3.01 -10.79 23.30
CA ARG B 17 4.09 -9.84 23.40
C ARG B 17 4.27 -9.23 22.01
N GLY B 18 4.30 -7.91 21.93
CA GLY B 18 4.61 -7.25 20.65
C GLY B 18 5.77 -6.32 20.93
N GLY B 19 6.95 -6.65 20.44
CA GLY B 19 8.13 -5.83 20.74
C GLY B 19 8.47 -5.97 22.21
N THR B 20 8.69 -4.83 22.90
CA THR B 20 8.89 -4.84 24.35
C THR B 20 7.60 -4.50 25.11
N SER B 21 6.44 -4.67 24.49
CA SER B 21 5.17 -4.42 25.16
C SER B 21 4.30 -5.67 25.11
N LYS B 22 3.19 -5.65 25.86
CA LYS B 22 2.30 -6.80 25.90
C LYS B 22 0.87 -6.30 25.98
N GLY B 23 -0.03 -7.03 25.33
CA GLY B 23 -1.43 -6.65 25.41
C GLY B 23 -2.36 -7.68 24.77
N GLY B 24 -3.64 -7.30 24.70
CA GLY B 24 -4.67 -8.17 24.17
C GLY B 24 -5.04 -7.71 22.77
N TYR B 25 -5.14 -8.68 21.87
CA TYR B 25 -5.44 -8.44 20.46
C TYR B 25 -6.84 -8.94 20.16
N PHE B 26 -7.67 -8.04 19.61
CA PHE B 26 -9.07 -8.30 19.28
C PHE B 26 -9.35 -8.04 17.81
N LEU B 27 -10.29 -8.82 17.28
CA LEU B 27 -10.98 -8.43 16.05
C LEU B 27 -11.97 -7.32 16.34
N ARG B 28 -12.11 -6.38 15.40
CA ARG B 28 -12.97 -5.24 15.66
C ARG B 28 -14.40 -5.69 15.90
N ALA B 29 -14.84 -6.74 15.18
CA ALA B 29 -16.21 -7.23 15.24
C ALA B 29 -16.58 -7.84 16.58
N ASP B 30 -15.59 -8.18 17.39
CA ASP B 30 -15.77 -8.85 18.69
C ASP B 30 -15.85 -7.87 19.84
N LEU B 31 -15.81 -6.56 19.57
CA LEU B 31 -15.86 -5.54 20.61
C LEU B 31 -17.10 -4.66 20.40
N PRO B 32 -17.61 -4.01 21.45
CA PRO B 32 -18.74 -3.08 21.26
C PRO B 32 -18.38 -1.98 20.27
N ALA B 33 -19.33 -1.68 19.37
CA ALA B 33 -19.12 -0.58 18.43
C ALA B 33 -19.09 0.76 19.15
N ASP B 34 -19.89 0.90 20.18
CA ASP B 34 -19.97 2.15 20.92
C ASP B 34 -18.69 2.34 21.76
N THR B 35 -18.09 3.53 21.66
CA THR B 35 -16.80 3.75 22.32
C THR B 35 -16.90 3.64 23.85
N ALA B 36 -17.94 4.23 24.44
CA ALA B 36 -18.08 4.12 25.89
C ALA B 36 -18.20 2.66 26.32
N ALA B 37 -18.99 1.88 25.60
CA ALA B 37 -19.14 0.46 25.95
C ALA B 37 -17.87 -0.32 25.69
N ARG B 38 -17.18 0.01 24.60
CA ARG B 38 -15.90 -0.65 24.32
C ARG B 38 -14.88 -0.37 25.42
N ASP B 39 -14.70 0.90 25.80
CA ASP B 39 -13.71 1.22 26.85
C ASP B 39 -14.08 0.62 28.19
N ALA B 40 -15.37 0.64 28.51
CA ALA B 40 -15.83 0.02 29.75
C ALA B 40 -15.48 -1.47 29.75
N PHE B 41 -15.57 -2.14 28.59
CA PHE B 41 -15.23 -3.57 28.54
C PHE B 41 -13.73 -3.81 28.67
N LEU B 42 -12.93 -2.97 28.04
CA LEU B 42 -11.51 -3.21 28.02
C LEU B 42 -10.86 -2.89 29.37
N LEU B 43 -11.35 -1.88 30.07
CA LEU B 43 -10.85 -1.60 31.40
C LEU B 43 -11.06 -2.83 32.28
N ALA B 44 -12.26 -3.38 32.24
CA ALA B 44 -12.55 -4.59 33.02
C ALA B 44 -11.66 -5.76 32.60
N VAL B 45 -11.51 -6.00 31.30
CA VAL B 45 -10.59 -7.03 30.81
C VAL B 45 -9.21 -6.89 31.45
N MET B 46 -8.71 -5.65 31.55
CA MET B 46 -7.38 -5.41 32.08
C MET B 46 -7.32 -5.46 33.59
N GLY B 47 -8.44 -5.28 34.27
CA GLY B 47 -8.41 -5.06 35.71
C GLY B 47 -8.19 -3.63 36.15
N SER B 48 -8.51 -2.54 35.17
CA SER B 48 -8.33 -1.15 35.50
C SER B 48 -9.62 -0.53 36.00
N PRO B 49 -9.57 0.49 36.88
CA PRO B 49 -8.39 1.09 37.54
C PRO B 49 -7.96 0.28 38.78
N ASP B 50 -6.69 0.00 38.90
CA ASP B 50 -6.16 -0.74 40.04
C ASP B 50 -4.66 -0.76 39.87
N PRO B 51 -3.92 -0.19 40.81
CA PRO B 51 -2.45 -0.12 40.65
C PRO B 51 -1.81 -1.47 40.47
N ARG B 52 -2.43 -2.54 40.98
N ARG B 52 -2.44 -2.54 40.98
CA ARG B 52 -1.94 -3.90 40.81
CA ARG B 52 -1.95 -3.90 40.83
C ARG B 52 -2.64 -4.66 39.69
C ARG B 52 -2.68 -4.68 39.74
N GLN B 53 -3.75 -4.13 39.17
CA GLN B 53 -4.54 -4.80 38.09
C GLN B 53 -4.77 -6.29 38.42
N ILE B 54 -5.21 -6.52 39.66
CA ILE B 54 -5.29 -7.90 40.16
C ILE B 54 -6.50 -8.60 39.61
N ASP B 55 -7.55 -7.88 39.20
CA ASP B 55 -8.78 -8.51 38.75
C ASP B 55 -8.94 -8.49 37.22
N GLY B 56 -7.83 -8.55 36.49
CA GLY B 56 -7.89 -8.58 35.04
C GLY B 56 -6.56 -8.99 34.46
N MET B 57 -6.38 -8.79 33.16
CA MET B 57 -5.19 -9.32 32.53
C MET B 57 -4.07 -8.33 32.35
N GLY B 58 -4.23 -7.08 32.81
CA GLY B 58 -3.12 -6.13 32.75
C GLY B 58 -1.99 -6.57 33.66
N GLY B 59 -0.77 -6.19 33.31
CA GLY B 59 0.34 -6.58 34.17
C GLY B 59 0.83 -5.50 35.11
N ALA B 60 -0.04 -4.53 35.43
CA ALA B 60 0.26 -3.49 36.43
C ALA B 60 1.44 -2.61 35.97
N ASP B 61 1.51 -2.36 34.65
CA ASP B 61 2.55 -1.49 34.08
C ASP B 61 1.92 -0.98 32.79
N PRO B 62 2.06 0.29 32.43
CA PRO B 62 1.43 0.69 31.17
C PRO B 62 1.91 -0.13 30.00
N LEU B 63 3.17 -0.61 30.03
CA LEU B 63 3.70 -1.38 28.91
C LEU B 63 2.99 -2.71 28.74
N THR B 64 2.27 -3.20 29.75
CA THR B 64 1.59 -4.49 29.63
C THR B 64 0.10 -4.28 29.85
N SER B 65 -0.39 -3.09 29.50
CA SER B 65 -1.80 -2.75 29.63
C SER B 65 -2.25 -2.09 28.32
N LYS B 66 -1.94 -2.75 27.21
CA LYS B 66 -2.24 -2.22 25.88
C LYS B 66 -3.21 -3.12 25.15
N VAL B 67 -3.86 -2.56 24.10
CA VAL B 67 -4.85 -3.30 23.34
C VAL B 67 -4.63 -3.01 21.87
N ALA B 68 -4.68 -4.04 21.05
CA ALA B 68 -4.74 -3.90 19.62
C ALA B 68 -6.13 -4.29 19.11
N VAL B 69 -6.69 -3.48 18.21
CA VAL B 69 -7.96 -3.79 17.57
C VAL B 69 -7.73 -3.86 16.04
N VAL B 70 -7.97 -5.03 15.45
CA VAL B 70 -7.57 -5.29 14.07
C VAL B 70 -8.78 -5.71 13.25
N SER B 71 -8.85 -5.26 11.98
CA SER B 71 -9.94 -5.64 11.08
C SER B 71 -9.42 -5.61 9.64
N LYS B 72 -10.00 -6.45 8.79
CA LYS B 72 -9.67 -6.35 7.37
C LYS B 72 -9.98 -4.95 6.87
N SER B 73 -9.07 -4.40 6.05
CA SER B 73 -9.14 -3.01 5.62
C SER B 73 -9.79 -2.90 4.26
N GLU B 74 -10.55 -1.80 4.07
CA GLU B 74 -11.05 -1.36 2.76
C GLU B 74 -10.16 -0.33 2.10
N ARG B 75 -9.07 0.04 2.73
CA ARG B 75 -8.24 1.05 2.08
C ARG B 75 -7.41 0.42 0.97
N PRO B 76 -7.25 1.12 -0.17
CA PRO B 76 -6.49 0.55 -1.29
C PRO B 76 -5.08 0.14 -0.87
N GLY B 77 -4.70 -1.07 -1.25
CA GLY B 77 -3.39 -1.56 -0.92
C GLY B 77 -3.16 -1.87 0.55
N ILE B 78 -4.14 -1.70 1.41
CA ILE B 78 -3.96 -2.03 2.84
C ILE B 78 -4.62 -3.37 3.11
N ASP B 79 -3.99 -4.24 3.92
CA ASP B 79 -4.64 -5.50 4.28
C ASP B 79 -5.49 -5.36 5.53
N VAL B 80 -4.93 -4.79 6.59
CA VAL B 80 -5.66 -4.68 7.85
C VAL B 80 -5.58 -3.28 8.38
N ASP B 81 -6.67 -2.83 9.00
CA ASP B 81 -6.67 -1.65 9.85
C ASP B 81 -6.36 -2.03 11.30
N TYR B 82 -5.50 -1.24 11.95
CA TYR B 82 -5.03 -1.51 13.30
C TYR B 82 -5.25 -0.26 14.12
N LEU B 83 -6.04 -0.38 15.18
CA LEU B 83 -6.22 0.65 16.19
C LEU B 83 -5.51 0.24 17.47
N PHE B 84 -4.67 1.13 17.99
CA PHE B 84 -3.90 0.95 19.21
C PHE B 84 -4.58 1.67 20.38
N LEU B 85 -4.78 0.98 21.51
CA LEU B 85 -5.44 1.60 22.64
C LEU B 85 -4.61 1.40 23.89
N GLN B 86 -4.40 2.47 24.65
CA GLN B 86 -3.71 2.40 25.94
C GLN B 86 -4.76 2.35 27.02
N VAL B 87 -4.72 1.29 27.85
CA VAL B 87 -5.67 1.16 28.94
C VAL B 87 -4.94 1.59 30.18
N PHE B 88 -5.38 2.68 30.81
CA PHE B 88 -4.61 3.21 31.93
C PHE B 88 -4.65 2.20 33.09
N VAL B 89 -3.53 2.06 33.79
CA VAL B 89 -3.46 1.10 34.91
C VAL B 89 -4.39 1.51 36.05
N ASP B 90 -4.31 2.79 36.46
CA ASP B 90 -5.05 3.21 37.66
C ASP B 90 -5.96 4.41 37.40
N GLN B 91 -6.44 4.57 36.17
CA GLN B 91 -7.53 5.48 35.88
C GLN B 91 -8.50 4.74 34.97
N ALA B 92 -9.78 5.05 35.08
CA ALA B 92 -10.76 4.50 34.14
C ALA B 92 -10.71 5.25 32.80
N ILE B 93 -9.56 5.15 32.14
CA ILE B 93 -9.32 5.89 30.90
C ILE B 93 -8.75 4.92 29.89
N VAL B 94 -9.26 4.97 28.66
CA VAL B 94 -8.67 4.28 27.52
C VAL B 94 -8.39 5.36 26.47
N THR B 95 -7.15 5.43 25.98
CA THR B 95 -6.81 6.48 25.02
C THR B 95 -6.34 5.85 23.70
N ASP B 96 -6.58 6.56 22.61
CA ASP B 96 -6.07 6.12 21.31
C ASP B 96 -4.85 6.98 21.00
N ALA B 97 -3.77 6.67 21.70
CA ALA B 97 -2.54 7.44 21.73
C ALA B 97 -1.76 7.26 20.43
N GLN B 98 -0.72 8.10 20.27
CA GLN B 98 0.26 7.88 19.21
C GLN B 98 0.78 6.46 19.28
N ASN B 99 0.95 5.85 18.10
CA ASN B 99 1.63 4.55 17.99
C ASN B 99 3.05 4.65 18.52
N SER B 100 3.48 3.65 19.29
CA SER B 100 4.90 3.49 19.61
C SER B 100 5.62 2.41 18.80
N GLY B 101 4.87 1.51 18.12
CA GLY B 101 5.45 0.50 17.23
C GLY B 101 5.81 -0.84 17.89
N ASN B 102 5.46 -1.04 19.15
CA ASN B 102 5.67 -2.35 19.77
C ASN B 102 4.48 -3.27 19.60
N ILE B 103 3.31 -2.86 20.09
CA ILE B 103 2.11 -3.65 19.88
C ILE B 103 1.90 -3.94 18.38
N LEU B 104 2.30 -2.99 17.54
CA LEU B 104 2.28 -3.19 16.10
C LEU B 104 2.90 -4.53 15.71
N ALA B 105 4.01 -4.91 16.35
CA ALA B 105 4.68 -6.15 15.93
C ALA B 105 3.74 -7.34 15.98
N GLY B 106 2.83 -7.41 16.95
CA GLY B 106 1.96 -8.59 16.95
C GLY B 106 0.83 -8.57 15.95
N VAL B 107 0.63 -7.43 15.27
CA VAL B 107 -0.56 -7.27 14.42
C VAL B 107 -0.50 -8.17 13.20
N GLY B 108 0.65 -8.29 12.56
CA GLY B 108 0.75 -9.11 11.38
C GLY B 108 0.50 -10.59 11.69
N PRO B 109 1.24 -11.16 12.63
CA PRO B 109 0.92 -12.53 13.08
C PRO B 109 -0.53 -12.70 13.53
N PHE B 110 -1.05 -11.85 14.41
CA PHE B 110 -2.46 -11.93 14.76
C PHE B 110 -3.35 -12.03 13.51
N ALA B 111 -3.18 -11.10 12.57
CA ALA B 111 -4.06 -11.09 11.40
C ALA B 111 -4.01 -12.42 10.66
N ILE B 112 -2.83 -13.01 10.49
CA ILE B 112 -2.75 -14.27 9.75
C ILE B 112 -3.39 -15.40 10.58
N GLU B 113 -3.07 -15.45 11.87
CA GLU B 113 -3.67 -16.49 12.69
C GLU B 113 -5.20 -16.38 12.67
N ARG B 114 -5.74 -15.16 12.59
CA ARG B 114 -7.20 -15.02 12.58
C ARG B 114 -7.82 -15.12 11.20
N GLY B 115 -7.02 -15.34 10.15
CA GLY B 115 -7.56 -15.48 8.81
C GLY B 115 -7.92 -14.17 8.11
N LEU B 116 -7.62 -13.00 8.71
CA LEU B 116 -7.78 -11.74 8.02
C LEU B 116 -6.92 -11.69 6.78
N VAL B 117 -5.71 -12.21 6.90
CA VAL B 117 -4.84 -12.47 5.76
C VAL B 117 -4.56 -13.96 5.81
N ALA B 118 -4.61 -14.65 4.68
CA ALA B 118 -4.24 -16.06 4.84
C ALA B 118 -2.78 -16.19 4.45
N ALA B 119 -2.10 -17.17 5.05
CA ALA B 119 -0.67 -17.36 4.76
C ALA B 119 -0.50 -17.63 3.28
N SER B 120 0.61 -17.13 2.71
CA SER B 120 0.91 -17.39 1.32
C SER B 120 2.15 -18.29 1.27
N GLY B 121 3.35 -17.74 1.19
CA GLY B 121 4.53 -18.60 1.17
C GLY B 121 4.92 -19.20 2.52
N ASP B 122 6.21 -19.50 2.65
CA ASP B 122 6.85 -19.65 3.94
C ASP B 122 7.06 -18.31 4.64
N GLU B 123 6.73 -17.21 3.95
CA GLU B 123 6.76 -15.83 4.46
C GLU B 123 5.55 -15.09 3.93
N THR B 124 4.88 -14.30 4.77
CA THR B 124 3.61 -13.71 4.38
C THR B 124 3.59 -12.22 4.66
N ARG B 125 3.36 -11.42 3.61
N ARG B 125 3.40 -11.41 3.63
CA ARG B 125 3.30 -9.97 3.68
CA ARG B 125 3.41 -9.96 3.77
C ARG B 125 1.98 -9.52 4.30
C ARG B 125 2.04 -9.47 4.27
N VAL B 126 2.06 -8.61 5.28
CA VAL B 126 0.86 -8.01 5.87
C VAL B 126 1.01 -6.49 5.82
N ALA B 127 0.11 -5.83 5.14
CA ALA B 127 0.17 -4.38 5.01
C ALA B 127 -0.84 -3.75 5.98
N ILE B 128 -0.32 -3.01 6.98
CA ILE B 128 -1.05 -2.54 8.16
C ILE B 128 -1.20 -1.01 8.08
N PHE B 129 -2.44 -0.53 8.11
CA PHE B 129 -2.74 0.88 8.35
C PHE B 129 -2.89 1.14 9.85
N MET B 130 -2.08 2.05 10.38
CA MET B 130 -2.10 2.46 11.79
C MET B 130 -3.08 3.61 11.96
N GLU B 131 -4.28 3.29 12.40
CA GLU B 131 -5.34 4.28 12.45
C GLU B 131 -4.99 5.46 13.30
N ASN B 132 -4.24 5.23 14.37
CA ASN B 132 -3.99 6.32 15.31
C ASN B 132 -3.27 7.46 14.65
N THR B 133 -2.34 7.15 13.74
CA THR B 133 -1.44 8.18 13.20
C THR B 133 -1.44 8.26 11.67
N GLY B 134 -2.19 7.40 11.00
CA GLY B 134 -2.32 7.36 9.56
C GLY B 134 -1.10 6.81 8.83
N GLN B 135 -0.17 6.19 9.56
CA GLN B 135 1.05 5.64 8.98
C GLN B 135 0.79 4.24 8.41
N VAL B 136 1.71 3.74 7.57
CA VAL B 136 1.57 2.39 7.01
C VAL B 136 2.80 1.57 7.38
N ALA B 137 2.57 0.34 7.82
CA ALA B 137 3.64 -0.61 8.09
C ALA B 137 3.40 -1.89 7.33
N VAL B 138 4.47 -2.37 6.70
CA VAL B 138 4.43 -3.64 5.99
C VAL B 138 5.31 -4.58 6.79
N ALA B 139 4.67 -5.63 7.37
CA ALA B 139 5.37 -6.64 8.14
C ALA B 139 5.50 -7.90 7.30
N THR B 140 6.67 -8.53 7.38
CA THR B 140 6.90 -9.81 6.74
C THR B 140 6.94 -10.85 7.85
N VAL B 141 6.01 -11.78 7.84
CA VAL B 141 5.87 -12.74 8.94
C VAL B 141 6.32 -14.11 8.44
N ARG B 142 7.04 -14.84 9.29
CA ARG B 142 7.46 -16.19 8.95
C ARG B 142 6.26 -17.12 9.10
N THR B 143 5.88 -17.80 8.02
CA THR B 143 4.74 -18.72 8.04
C THR B 143 5.15 -20.09 7.48
N PRO B 144 6.21 -20.70 8.01
CA PRO B 144 6.67 -21.98 7.44
C PRO B 144 5.51 -23.00 7.43
N GLY B 145 5.28 -23.61 6.28
CA GLY B 145 4.20 -24.57 6.11
C GLY B 145 2.78 -24.10 6.38
N GLY B 146 2.51 -22.80 6.27
CA GLY B 146 1.14 -22.32 6.33
C GLY B 146 0.65 -21.87 7.69
N SER B 147 1.53 -21.73 8.67
CA SER B 147 1.16 -21.27 10.00
C SER B 147 2.23 -20.30 10.48
N VAL B 148 1.79 -19.31 11.25
CA VAL B 148 2.74 -18.40 11.90
C VAL B 148 3.64 -19.22 12.80
N THR B 149 4.93 -18.97 12.74
CA THR B 149 5.84 -19.36 13.81
C THR B 149 6.30 -18.14 14.59
N TYR B 150 6.48 -18.29 15.90
CA TYR B 150 7.14 -17.24 16.66
C TYR B 150 8.56 -17.62 17.02
N ALA B 151 9.06 -18.73 16.50
CA ALA B 151 10.38 -19.24 16.82
C ALA B 151 11.41 -18.80 15.77
N GLY B 152 12.63 -18.55 16.22
CA GLY B 152 13.67 -18.12 15.30
C GLY B 152 14.89 -17.63 16.06
N ASP B 153 15.79 -16.98 15.30
CA ASP B 153 17.06 -16.52 15.85
C ASP B 153 17.17 -15.00 15.90
N ALA B 154 16.06 -14.27 15.72
CA ALA B 154 16.03 -12.82 15.87
C ALA B 154 16.02 -12.41 17.33
N ALA B 155 16.74 -11.33 17.67
CA ALA B 155 16.73 -10.80 19.03
C ALA B 155 16.48 -9.29 19.03
N ILE B 156 15.73 -8.82 20.02
CA ILE B 156 15.68 -7.39 20.27
C ILE B 156 16.00 -7.14 21.73
N ASP B 157 16.70 -6.04 21.97
CA ASP B 157 17.09 -5.69 23.32
C ASP B 157 15.83 -5.44 24.13
N GLY B 158 15.85 -5.88 25.39
CA GLY B 158 14.68 -5.83 26.22
C GLY B 158 13.91 -7.14 26.31
N VAL B 159 14.07 -8.04 25.36
CA VAL B 159 13.35 -9.32 25.34
C VAL B 159 14.36 -10.44 25.43
N PRO B 160 14.26 -11.33 26.44
CA PRO B 160 15.17 -12.47 26.55
C PRO B 160 14.96 -13.47 25.42
N GLY B 161 16.02 -14.18 25.07
CA GLY B 161 15.87 -15.24 24.12
C GLY B 161 15.78 -14.71 22.70
N THR B 162 15.30 -15.56 21.78
CA THR B 162 15.21 -15.18 20.35
C THR B 162 13.89 -15.73 19.81
N HIS B 163 13.45 -15.12 18.71
CA HIS B 163 12.12 -15.32 18.14
C HIS B 163 12.22 -15.22 16.63
N ALA B 164 11.09 -15.48 15.97
CA ALA B 164 10.99 -15.29 14.53
C ALA B 164 11.21 -13.82 14.21
N PRO B 165 11.98 -13.48 13.19
CA PRO B 165 12.10 -12.08 12.81
C PRO B 165 10.81 -11.59 12.16
N ILE B 166 10.48 -10.32 12.40
CA ILE B 166 9.40 -9.62 11.72
C ILE B 166 9.96 -8.30 11.16
N PRO B 167 10.62 -8.36 10.02
CA PRO B 167 11.02 -7.12 9.33
C PRO B 167 9.80 -6.25 9.10
N THR B 168 9.92 -4.97 9.47
CA THR B 168 8.83 -4.00 9.35
C THR B 168 9.30 -2.77 8.59
N GLU B 169 8.62 -2.45 7.50
CA GLU B 169 8.95 -1.27 6.73
C GLU B 169 7.85 -0.21 6.90
N PHE B 170 8.23 1.01 7.28
CA PHE B 170 7.30 2.10 7.54
C PHE B 170 7.30 3.09 6.39
N ARG B 171 6.09 3.53 6.02
CA ARG B 171 5.90 4.59 5.02
C ARG B 171 4.83 5.54 5.55
N ASP B 172 4.78 6.74 5.01
CA ASP B 172 3.84 7.76 5.43
C ASP B 172 4.04 8.11 6.90
N THR B 173 5.31 8.13 7.32
CA THR B 173 5.72 8.47 8.68
C THR B 173 5.80 9.99 8.85
N ALA B 174 6.24 10.68 7.82
CA ALA B 174 6.61 12.10 7.96
C ALA B 174 5.43 12.95 8.39
N GLY B 175 5.57 13.64 9.51
CA GLY B 175 4.48 14.47 9.97
C GLY B 175 3.30 13.70 10.48
N SER B 176 3.52 12.47 11.01
CA SER B 176 2.50 11.55 11.50
C SER B 176 1.53 12.33 12.37
N SER B 177 1.98 12.83 13.53
CA SER B 177 1.15 13.72 14.34
C SER B 177 1.37 15.21 14.06
N CYS B 178 2.56 15.65 13.63
CA CYS B 178 2.86 17.07 13.62
C CYS B 178 2.43 17.77 12.33
N GLY B 179 2.06 17.02 11.29
CA GLY B 179 1.61 17.55 10.03
C GLY B 179 2.70 17.85 9.01
N ALA B 180 3.97 17.84 9.43
CA ALA B 180 5.11 17.99 8.55
C ALA B 180 6.30 17.35 9.24
N LEU B 181 7.33 17.04 8.45
CA LEU B 181 8.54 16.47 9.05
C LEU B 181 9.18 17.46 10.00
N LEU B 182 9.32 18.73 9.56
CA LEU B 182 9.77 19.82 10.43
C LEU B 182 8.65 20.82 10.63
N PRO B 183 7.78 20.60 11.61
CA PRO B 183 6.63 21.50 11.79
C PRO B 183 7.02 22.95 12.09
N SER B 184 8.25 23.22 12.54
CA SER B 184 8.68 24.60 12.72
C SER B 184 9.19 25.21 11.42
N GLY B 185 9.39 24.42 10.37
CA GLY B 185 10.01 24.94 9.16
C GLY B 185 11.50 25.00 9.22
N ASN B 186 12.10 24.78 10.39
CA ASN B 186 13.54 24.90 10.58
C ASN B 186 14.21 23.55 10.80
N ALA B 187 15.39 23.40 10.21
CA ALA B 187 16.27 22.30 10.58
C ALA B 187 16.62 22.40 12.06
N VAL B 188 16.79 23.61 12.57
CA VAL B 188 17.25 23.82 13.94
C VAL B 188 16.50 25.00 14.54
N ASP B 189 15.93 24.82 15.74
CA ASP B 189 15.45 25.94 16.53
C ASP B 189 16.22 26.05 17.85
N VAL B 190 16.31 27.26 18.36
CA VAL B 190 16.93 27.51 19.66
C VAL B 190 15.82 27.61 20.70
N VAL B 191 15.95 26.85 21.78
CA VAL B 191 15.01 26.86 22.90
C VAL B 191 15.83 26.91 24.17
N ASN B 192 15.54 27.87 25.04
CA ASN B 192 16.32 28.03 26.28
C ASN B 192 17.82 28.18 25.97
N GLY B 193 18.14 28.96 24.92
CA GLY B 193 19.52 29.11 24.48
C GLY B 193 20.20 27.81 24.07
N LEU B 194 19.44 26.88 23.50
CA LEU B 194 19.87 25.51 23.20
C LEU B 194 19.40 25.10 21.81
N PRO B 195 20.27 24.58 20.94
CA PRO B 195 19.81 24.09 19.63
C PRO B 195 19.12 22.74 19.74
N VAL B 196 17.94 22.64 19.12
CA VAL B 196 17.16 21.41 19.04
C VAL B 196 16.58 21.29 17.63
N THR B 197 16.37 20.04 17.18
CA THR B 197 15.63 19.74 15.96
C THR B 197 14.27 19.19 16.36
N LEU B 198 13.21 19.87 15.94
CA LEU B 198 11.85 19.41 16.15
C LEU B 198 11.37 18.65 14.93
N ILE B 199 11.23 17.32 15.07
CA ILE B 199 11.06 16.47 13.91
C ILE B 199 9.98 15.42 14.19
N ASP B 200 9.25 15.06 13.14
CA ASP B 200 8.18 14.06 13.19
C ASP B 200 8.33 13.20 11.94
N ASN B 201 9.11 12.11 12.05
CA ASN B 201 9.04 11.08 11.02
C ASN B 201 8.56 9.76 11.65
N GLY B 202 7.35 9.77 12.20
CA GLY B 202 6.74 8.58 12.79
C GLY B 202 6.36 8.76 14.25
N MET B 203 7.06 9.67 14.95
CA MET B 203 6.83 10.06 16.33
C MET B 203 7.40 11.46 16.55
N PRO B 204 6.61 12.41 17.05
CA PRO B 204 7.17 13.75 17.34
C PRO B 204 8.26 13.68 18.39
N CYS B 205 9.42 14.25 18.06
CA CYS B 205 10.59 14.23 18.95
C CYS B 205 11.26 15.59 18.99
N VAL B 206 11.85 15.91 20.15
CA VAL B 206 12.84 16.96 20.26
C VAL B 206 14.22 16.29 20.30
N VAL B 207 15.05 16.59 19.31
CA VAL B 207 16.39 16.00 19.22
C VAL B 207 17.44 17.05 19.56
N MET B 208 18.22 16.79 20.61
CA MET B 208 19.24 17.73 21.05
C MET B 208 20.38 16.97 21.68
N LYS B 209 21.49 17.68 21.85
CA LYS B 209 22.72 17.07 22.36
C LYS B 209 22.59 16.81 23.86
N ALA B 210 22.76 15.56 24.26
CA ALA B 210 22.95 15.25 25.68
C ALA B 210 23.90 16.25 26.33
N ALA B 211 25.01 16.55 25.64
CA ALA B 211 26.05 17.42 26.21
C ALA B 211 25.49 18.74 26.72
N ASP B 212 24.48 19.29 26.03
CA ASP B 212 23.96 20.62 26.29
C ASP B 212 22.89 20.69 27.37
N VAL B 213 22.45 19.56 27.91
CA VAL B 213 21.61 19.54 29.10
C VAL B 213 22.40 18.99 30.31
N GLY B 214 23.72 19.05 30.24
CA GLY B 214 24.57 18.72 31.37
C GLY B 214 24.72 17.25 31.68
N ILE B 215 24.56 16.36 30.68
CA ILE B 215 24.83 14.94 30.86
C ILE B 215 25.68 14.40 29.72
N THR B 216 26.14 13.17 29.91
CA THR B 216 27.00 12.51 28.94
C THR B 216 26.18 11.92 27.79
N GLY B 217 25.02 11.37 28.10
CA GLY B 217 24.29 10.57 27.15
C GLY B 217 24.58 9.10 27.25
N TYR B 218 25.57 8.71 28.05
CA TYR B 218 25.86 7.30 28.29
C TYR B 218 25.34 6.82 29.63
N GLU B 219 24.50 7.61 30.30
CA GLU B 219 24.04 7.28 31.64
C GLU B 219 22.95 6.21 31.59
N ASP B 220 22.94 5.38 32.63
CA ASP B 220 21.94 4.33 32.75
C ASP B 220 20.57 4.95 32.98
N ARG B 221 19.54 4.18 32.57
N ARG B 221 19.54 4.19 32.59
CA ARG B 221 18.15 4.55 32.78
CA ARG B 221 18.16 4.65 32.77
C ARG B 221 17.91 5.13 34.17
C ARG B 221 17.93 5.16 34.18
N ASP B 222 18.24 4.33 35.19
CA ASP B 222 18.02 4.73 36.58
C ASP B 222 18.82 5.94 36.98
N SER B 223 19.99 6.17 36.35
CA SER B 223 20.77 7.35 36.71
C SER B 223 20.09 8.61 36.19
N LEU B 224 19.67 8.58 34.92
CA LEU B 224 18.88 9.65 34.32
C LEU B 224 17.59 9.89 35.11
N ASP B 225 16.88 8.82 35.47
CA ASP B 225 15.66 8.99 36.23
C ASP B 225 15.93 9.59 37.61
N ALA B 226 17.15 9.44 38.14
CA ALA B 226 17.53 10.03 39.41
C ALA B 226 18.11 11.42 39.25
N ASN B 227 18.24 11.92 38.02
CA ASN B 227 18.82 13.24 37.76
C ASN B 227 17.70 14.28 37.79
N ALA B 228 17.51 14.89 38.96
CA ALA B 228 16.47 15.90 39.11
C ALA B 228 16.73 17.14 38.25
N GLU B 229 17.98 17.63 38.23
CA GLU B 229 18.27 18.84 37.48
C GLU B 229 18.27 18.60 35.96
N LEU B 230 18.44 17.35 35.50
CA LEU B 230 18.29 17.09 34.07
C LEU B 230 16.82 16.99 33.68
N LYS B 231 16.03 16.24 34.47
CA LYS B 231 14.59 16.17 34.25
C LYS B 231 13.98 17.57 34.17
N ALA B 232 14.39 18.46 35.10
CA ALA B 232 13.88 19.82 35.11
C ALA B 232 14.25 20.58 33.83
N LYS B 233 15.54 20.54 33.45
CA LYS B 233 15.94 21.18 32.19
C LYS B 233 15.12 20.66 31.01
N ILE B 234 14.90 19.35 30.97
CA ILE B 234 14.34 18.69 29.81
C ILE B 234 12.86 19.04 29.66
N GLU B 235 12.14 19.07 30.79
CA GLU B 235 10.71 19.33 30.77
C GLU B 235 10.44 20.75 30.33
N ALA B 236 11.29 21.68 30.78
CA ALA B 236 11.17 23.08 30.38
C ALA B 236 11.20 23.23 28.86
N ILE B 237 12.10 22.50 28.18
CA ILE B 237 12.15 22.63 26.73
C ILE B 237 10.94 21.96 26.08
N ARG B 238 10.43 20.88 26.67
CA ARG B 238 9.33 20.16 26.01
C ARG B 238 8.06 21.00 26.02
N LEU B 239 7.66 21.46 27.20
CA LEU B 239 6.50 22.35 27.29
C LEU B 239 6.70 23.60 26.45
N ALA B 240 7.95 24.03 26.27
CA ALA B 240 8.20 25.21 25.48
C ALA B 240 7.90 25.03 23.99
N VAL B 241 7.94 23.80 23.47
CA VAL B 241 7.97 23.63 22.02
C VAL B 241 6.72 22.96 21.48
N GLY B 242 5.73 22.69 22.33
CA GLY B 242 4.54 21.97 21.92
C GLY B 242 3.77 22.67 20.82
N GLU B 243 3.37 23.91 21.06
CA GLU B 243 2.58 24.65 20.07
C GLU B 243 3.34 24.81 18.76
N LEU B 244 4.62 25.17 18.83
CA LEU B 244 5.49 25.17 17.65
C LEU B 244 5.39 23.86 16.86
N MET B 245 5.38 22.70 17.55
CA MET B 245 5.29 21.40 16.86
C MET B 245 3.86 21.01 16.51
N ASN B 246 2.90 21.95 16.63
CA ASN B 246 1.48 21.72 16.30
C ASN B 246 0.87 20.60 17.16
N LEU B 247 1.29 20.58 18.43
CA LEU B 247 0.86 19.57 19.39
C LEU B 247 0.07 20.20 20.53
N GLY B 248 -0.29 21.48 20.43
CA GLY B 248 -1.15 22.11 21.43
C GLY B 248 -0.39 22.36 22.71
N ASP B 249 -1.09 22.22 23.84
CA ASP B 249 -0.46 22.20 25.15
C ASP B 249 -0.12 20.74 25.45
N VAL B 250 1.19 20.45 25.56
CA VAL B 250 1.65 19.08 25.77
C VAL B 250 1.86 18.74 27.24
N THR B 251 1.51 19.66 28.16
CA THR B 251 1.78 19.46 29.57
C THR B 251 1.22 18.13 30.05
N GLU B 252 0.01 17.77 29.60
CA GLU B 252 -0.57 16.49 29.98
C GLU B 252 -0.56 15.51 28.83
N LYS B 253 0.23 15.76 27.79
CA LYS B 253 0.38 14.81 26.70
C LYS B 253 1.72 14.07 26.81
N SER B 254 1.82 12.99 26.05
CA SER B 254 2.98 12.12 26.05
C SER B 254 3.93 12.39 24.90
N VAL B 255 3.68 13.44 24.12
CA VAL B 255 4.55 13.86 23.02
C VAL B 255 4.99 15.30 23.27
N PRO B 256 6.15 15.74 22.75
CA PRO B 256 7.06 14.92 21.98
C PRO B 256 7.99 14.14 22.88
N LYS B 257 8.58 13.09 22.35
CA LYS B 257 9.63 12.39 23.06
C LYS B 257 10.89 13.26 23.06
N MET B 258 11.62 13.24 24.17
CA MET B 258 12.85 14.01 24.29
C MET B 258 14.02 13.09 24.00
N MET B 259 14.78 13.43 22.96
CA MET B 259 15.83 12.54 22.44
C MET B 259 17.16 13.24 22.62
N LEU B 260 17.95 12.77 23.59
CA LEU B 260 19.23 13.35 23.93
C LEU B 260 20.32 12.53 23.25
N VAL B 261 21.07 13.14 22.32
CA VAL B 261 21.97 12.37 21.48
C VAL B 261 23.43 12.69 21.83
N ALA B 262 24.30 11.75 21.49
CA ALA B 262 25.72 11.83 21.81
C ALA B 262 26.45 10.95 20.82
N PRO B 263 27.76 11.13 20.65
CA PRO B 263 28.47 10.33 19.67
C PRO B 263 28.35 8.85 19.98
N PRO B 264 28.22 8.01 18.95
CA PRO B 264 28.19 6.56 19.17
C PRO B 264 29.45 6.07 19.86
N ARG B 265 29.32 4.90 20.46
CA ARG B 265 30.36 4.28 21.26
C ARG B 265 30.69 2.87 20.80
N ASP B 266 29.79 2.21 20.08
CA ASP B 266 29.99 0.86 19.59
C ASP B 266 30.16 0.83 18.07
N GLY B 267 30.62 1.92 17.49
CA GLY B 267 30.62 2.07 16.04
C GLY B 267 29.22 2.03 15.46
N GLY B 268 28.23 2.49 16.21
CA GLY B 268 26.91 2.72 15.68
C GLY B 268 26.85 4.07 15.00
N ALA B 269 25.64 4.51 14.70
CA ALA B 269 25.45 5.83 14.09
C ALA B 269 25.33 6.94 15.13
N VAL B 270 24.64 6.70 16.25
CA VAL B 270 24.44 7.73 17.25
C VAL B 270 24.04 7.05 18.54
N CYS B 271 24.24 7.73 19.65
CA CYS B 271 23.79 7.26 20.96
C CYS B 271 22.62 8.14 21.38
N VAL B 272 21.58 7.57 21.95
CA VAL B 272 20.42 8.35 22.35
C VAL B 272 20.00 7.92 23.75
N ARG B 273 19.53 8.88 24.55
CA ARG B 273 18.74 8.58 25.74
C ARG B 273 17.47 9.38 25.60
N SER B 274 16.36 8.74 25.91
CA SER B 274 15.03 9.16 25.48
C SER B 274 14.09 9.24 26.65
N PHE B 275 13.54 10.42 26.89
CA PHE B 275 12.50 10.63 27.90
C PHE B 275 11.13 10.61 27.22
N ILE B 276 10.17 9.89 27.79
CA ILE B 276 9.00 9.51 26.98
C ILE B 276 7.64 10.02 27.44
N PRO B 277 7.47 11.26 27.90
CA PRO B 277 8.41 12.36 28.02
C PRO B 277 9.04 12.45 29.42
N HIS B 278 8.52 11.68 30.38
CA HIS B 278 8.85 11.88 31.79
C HIS B 278 9.85 10.88 32.33
N ARG B 279 9.68 9.60 32.08
CA ARG B 279 10.64 8.63 32.55
C ARG B 279 11.62 8.31 31.42
N ALA B 280 12.81 7.85 31.78
CA ALA B 280 13.76 7.44 30.77
C ALA B 280 13.39 6.08 30.19
N HIS B 281 13.48 5.97 28.86
CA HIS B 281 13.13 4.75 28.17
C HIS B 281 14.23 3.72 28.41
N ALA B 282 13.83 2.46 28.63
CA ALA B 282 14.86 1.44 28.87
C ALA B 282 15.69 1.15 27.61
N THR B 283 15.08 1.31 26.42
CA THR B 283 15.76 1.18 25.14
C THR B 283 15.46 2.44 24.31
N ILE B 284 14.62 2.31 23.27
CA ILE B 284 14.08 3.47 22.54
C ILE B 284 12.83 3.01 21.79
N GLY B 285 11.85 3.92 21.65
CA GLY B 285 10.69 3.61 20.84
C GLY B 285 11.04 3.45 19.38
N VAL B 286 10.29 2.56 18.69
CA VAL B 286 10.58 2.20 17.30
C VAL B 286 10.34 3.38 16.37
N LEU B 287 9.21 4.04 16.54
CA LEU B 287 8.95 5.19 15.67
C LEU B 287 9.78 6.37 16.13
N GLY B 288 10.00 6.49 17.45
CA GLY B 288 10.99 7.44 17.94
C GLY B 288 12.34 7.25 17.29
N ALA B 289 12.75 5.99 17.08
CA ALA B 289 14.04 5.74 16.44
C ALA B 289 14.06 6.26 15.01
N VAL B 290 12.96 6.08 14.27
CA VAL B 290 12.91 6.58 12.89
C VAL B 290 13.14 8.08 12.86
N SER B 291 12.44 8.82 13.73
CA SER B 291 12.60 10.27 13.76
C SER B 291 14.04 10.67 14.05
N VAL B 292 14.68 10.02 15.03
CA VAL B 292 16.07 10.34 15.35
C VAL B 292 16.99 10.00 14.19
N ALA B 293 16.79 8.82 13.59
CA ALA B 293 17.68 8.45 12.49
C ALA B 293 17.56 9.46 11.36
N THR B 294 16.34 9.94 11.11
CA THR B 294 16.10 10.94 10.08
C THR B 294 16.77 12.26 10.46
N ALA B 295 16.77 12.59 11.74
CA ALA B 295 17.35 13.85 12.20
C ALA B 295 18.85 13.82 12.02
N CYS B 296 19.46 12.64 12.14
CA CYS B 296 20.89 12.50 11.91
C CYS B 296 21.27 13.01 10.52
N LEU B 297 20.32 13.01 9.60
CA LEU B 297 20.58 13.38 8.20
C LEU B 297 20.45 14.88 7.93
N ILE B 298 19.99 15.67 8.90
CA ILE B 298 19.69 17.08 8.66
C ILE B 298 20.97 17.88 8.87
N PRO B 299 21.53 18.52 7.85
CA PRO B 299 22.85 19.11 8.00
C PRO B 299 22.83 20.23 9.04
N GLY B 300 23.92 20.32 9.80
CA GLY B 300 24.04 21.34 10.81
C GLY B 300 23.22 21.11 12.06
N SER B 301 22.39 20.06 12.11
CA SER B 301 21.57 19.79 13.29
C SER B 301 22.38 19.18 14.43
N PRO B 302 21.85 19.28 15.66
CA PRO B 302 22.51 18.58 16.79
C PRO B 302 22.72 17.10 16.52
N ALA B 303 21.72 16.42 15.97
CA ALA B 303 21.87 15.01 15.63
C ALA B 303 23.01 14.80 14.63
N ALA B 304 23.02 15.57 13.54
CA ALA B 304 24.07 15.43 12.52
C ALA B 304 25.46 15.74 13.07
N GLU B 305 25.55 16.66 14.04
CA GLU B 305 26.84 17.00 14.62
C GLU B 305 27.49 15.80 15.31
N VAL B 306 26.71 14.96 16.02
CA VAL B 306 27.33 13.85 16.76
C VAL B 306 27.23 12.53 16.02
N ALA B 307 26.43 12.44 14.97
CA ALA B 307 26.12 11.16 14.38
C ALA B 307 27.17 10.77 13.35
N VAL B 308 27.39 9.47 13.22
CA VAL B 308 28.25 8.93 12.18
C VAL B 308 27.33 8.26 11.19
N VAL B 309 27.11 8.93 10.06
CA VAL B 309 26.09 8.58 9.08
C VAL B 309 26.77 7.89 7.90
N PRO B 310 26.35 6.68 7.52
CA PRO B 310 26.99 5.99 6.41
C PRO B 310 26.59 6.58 5.08
N GLU B 311 27.39 6.27 4.07
CA GLU B 311 27.08 6.67 2.71
C GLU B 311 26.02 5.72 2.13
N GLY B 312 25.60 5.99 0.90
CA GLY B 312 24.65 5.16 0.21
C GLY B 312 23.22 5.67 0.32
N ALA B 313 22.39 5.25 -0.62
CA ALA B 313 20.97 5.62 -0.61
C ALA B 313 20.13 4.74 0.33
N ARG B 314 20.68 3.63 0.79
CA ARG B 314 19.97 2.79 1.75
C ARG B 314 20.91 2.65 2.96
N LYS B 315 20.67 3.44 4.00
CA LYS B 315 21.62 3.66 5.09
C LYS B 315 21.17 2.91 6.34
N THR B 316 22.07 2.15 6.95
CA THR B 316 21.75 1.44 8.18
C THR B 316 22.28 2.25 9.36
N LEU B 317 21.39 2.79 10.15
CA LEU B 317 21.74 3.63 11.29
C LEU B 317 21.47 2.83 12.56
N SER B 318 22.53 2.45 13.24
CA SER B 318 22.40 1.78 14.52
C SER B 318 22.23 2.86 15.57
N ILE B 319 21.09 2.86 16.26
CA ILE B 319 20.78 3.82 17.30
C ILE B 319 21.13 3.16 18.63
N GLU B 320 22.15 3.68 19.29
CA GLU B 320 22.57 3.13 20.57
C GLU B 320 21.70 3.67 21.71
N HIS B 321 21.49 2.83 22.74
CA HIS B 321 20.56 3.23 23.80
C HIS B 321 21.01 2.57 25.09
N PRO B 322 20.32 2.76 26.23
CA PRO B 322 20.86 2.23 27.51
C PRO B 322 21.19 0.75 27.53
N THR B 323 20.49 -0.11 26.81
CA THR B 323 20.74 -1.53 26.96
C THR B 323 21.10 -2.24 25.67
N GLY B 324 21.48 -1.50 24.64
CA GLY B 324 21.97 -2.10 23.43
C GLY B 324 21.88 -1.13 22.27
N GLU B 325 21.33 -1.60 21.15
CA GLU B 325 21.12 -0.72 20.02
C GLU B 325 19.86 -1.18 19.30
N MET B 326 19.27 -0.26 18.53
CA MET B 326 18.17 -0.55 17.62
C MET B 326 18.57 0.00 16.26
N SER B 327 18.70 -0.88 15.27
CA SER B 327 19.10 -0.43 13.93
C SER B 327 17.92 -0.11 13.02
N CYS B 328 18.05 1.01 12.32
CA CYS B 328 17.01 1.52 11.45
C CYS B 328 17.63 1.69 10.09
N VAL B 329 17.02 1.10 9.06
CA VAL B 329 17.50 1.19 7.69
C VAL B 329 16.65 2.21 6.94
N LEU B 330 17.28 3.32 6.53
CA LEU B 330 16.58 4.41 5.87
C LEU B 330 16.82 4.32 4.37
N GLU B 331 15.75 4.35 3.61
CA GLU B 331 15.82 4.44 2.15
C GLU B 331 15.70 5.91 1.84
N VAL B 332 16.77 6.49 1.32
CA VAL B 332 16.83 7.92 1.04
C VAL B 332 16.81 8.11 -0.48
N ASP B 333 15.85 8.90 -0.96
CA ASP B 333 15.80 9.21 -2.39
C ASP B 333 16.75 10.36 -2.74
N ASP B 334 16.90 10.60 -4.04
CA ASP B 334 17.89 11.56 -4.51
C ASP B 334 17.61 12.98 -4.01
N ALA B 335 16.36 13.31 -3.66
CA ALA B 335 15.99 14.62 -3.11
C ALA B 335 16.27 14.75 -1.61
N GLY B 336 16.70 13.67 -0.95
CA GLY B 336 16.97 13.69 0.47
C GLY B 336 15.83 13.22 1.34
N ASN B 337 14.66 12.96 0.76
CA ASN B 337 13.56 12.40 1.53
C ASN B 337 13.91 11.00 2.03
N VAL B 338 13.35 10.63 3.18
CA VAL B 338 13.33 9.23 3.57
C VAL B 338 12.07 8.63 2.94
N VAL B 339 12.26 7.70 2.00
CA VAL B 339 11.11 7.09 1.35
C VAL B 339 10.55 5.96 2.19
N SER B 340 11.41 5.22 2.89
CA SER B 340 10.89 4.22 3.81
C SER B 340 11.95 4.01 4.86
N ALA B 341 11.50 3.40 5.96
CA ALA B 341 12.34 3.07 7.11
C ALA B 341 11.99 1.67 7.58
N ALA B 342 13.00 0.82 7.71
CA ALA B 342 12.81 -0.59 8.07
C ALA B 342 13.57 -0.94 9.33
N LEU B 343 12.88 -1.63 10.24
CA LEU B 343 13.38 -1.95 11.56
C LEU B 343 12.97 -3.38 11.87
N LEU B 344 13.76 -4.05 12.68
CA LEU B 344 13.45 -5.43 13.04
C LEU B 344 12.61 -5.47 14.33
N ARG B 345 11.52 -6.22 14.31
N ARG B 345 11.54 -6.27 14.29
CA ARG B 345 10.76 -6.44 15.52
CA ARG B 345 10.62 -6.46 15.38
C ARG B 345 10.47 -7.94 15.61
C ARG B 345 10.41 -7.97 15.57
N THR B 346 9.99 -8.35 16.78
CA THR B 346 9.58 -9.72 17.04
C THR B 346 8.32 -9.66 17.88
N ALA B 347 7.56 -10.76 17.85
CA ALA B 347 6.34 -10.91 18.63
C ALA B 347 6.23 -12.34 19.15
N ARG B 348 5.35 -12.56 20.13
CA ARG B 348 5.04 -13.94 20.53
C ARG B 348 3.60 -14.06 20.96
N LYS B 349 2.89 -15.08 20.46
CA LYS B 349 1.61 -15.45 21.04
C LYS B 349 1.85 -16.16 22.37
N LEU B 350 1.30 -15.60 23.44
CA LEU B 350 1.45 -16.07 24.81
C LEU B 350 0.27 -16.88 25.29
N MET B 351 -0.96 -16.43 24.97
CA MET B 351 -2.18 -17.15 25.37
C MET B 351 -3.26 -16.81 24.37
N ASP B 352 -4.07 -17.80 23.99
CA ASP B 352 -5.16 -17.48 23.06
C ASP B 352 -6.43 -18.10 23.57
N GLY B 353 -7.55 -17.40 23.38
CA GLY B 353 -8.77 -17.94 23.94
C GLY B 353 -9.84 -16.87 24.05
N VAL B 354 -10.41 -16.76 25.25
CA VAL B 354 -11.53 -15.87 25.51
C VAL B 354 -11.24 -15.11 26.79
N VAL B 355 -11.39 -13.77 26.75
CA VAL B 355 -11.32 -12.96 27.96
C VAL B 355 -12.73 -12.70 28.45
N PHE B 356 -12.86 -12.57 29.78
CA PHE B 356 -14.13 -12.48 30.48
C PHE B 356 -14.20 -11.20 31.30
N VAL B 357 -15.40 -10.69 31.44
CA VAL B 357 -15.69 -9.50 32.21
C VAL B 357 -16.94 -9.81 33.03
N LEU B 358 -17.11 -9.13 34.16
CA LEU B 358 -18.28 -9.39 34.98
C LEU B 358 -19.59 -8.93 34.34
N GLU B 359 -20.65 -9.72 34.57
CA GLU B 359 -22.02 -9.30 34.26
C GLU B 359 -22.37 -8.05 35.07
N HIS B 360 -22.76 -6.98 34.37
CA HIS B 360 -23.14 -5.73 35.02
C HIS B 360 -24.58 -5.35 34.65
CL CL C . -0.58 17.70 -9.99
CL CL D . -4.86 2.00 -17.65
CL CL E . -13.44 6.57 -30.42
CL CL F . -1.16 4.04 33.18
CL CL G . 2.02 0.47 17.80
CL CL H . -13.26 -7.59 12.51
#